data_9JU5
#
_entry.id   9JU5
#
_cell.length_a   90.116
_cell.length_b   107.179
_cell.length_c   110.990
_cell.angle_alpha   90.000
_cell.angle_beta   90.000
_cell.angle_gamma   90.000
#
_symmetry.space_group_name_H-M   'P 2 21 21'
#
loop_
_entity.id
_entity.type
_entity.pdbx_description
1 polymer 'Aldehyde dehydrogenase'
2 non-polymer NICOTINAMIDE-ADENINE-DINUCLEOTIDE
3 water water
#
_entity_poly.entity_id   1
_entity_poly.type   'polypeptide(L)'
_entity_poly.pdbx_seq_one_letter_code
;MGSSHHHHHHSSGLVPRGSHMPQERQKRSARMEDTQVAVLTDPRTGRERRRIALAGEPEVTAAVAEARGAGSAWAALTPR
LRARCLLRFADLIEERSAQYVVAERSGTGKPAAEAAGEVESCADLLRFYAGALRAGTAPAAGRLLPGRESWVRWEPLGVV
AAIVPWNYPLMMAAWRIGPALAAGNTVVLKPALTTPDTALLLARDAAETLGPGVLVTVPGDRDTGRLLVESAVDAVAFTG
SEAAGRDIVGRAGLRRLSLELGGNCPAVVLPDAPPDTYEALVRAATYNAGQSCASPSRVITLRENYQQAVEGLAKAMHAR
RAGVDFGPLNNADQAARYDRIVARSGAGIEHVAPLAPPPGEEGGHWRPGRILADLPADDPAVCEEVFAPVLTVQAADDPA
EALALANGMPQALAASVWGSRTDAVLELAGELNAGEVWVNCHLEQTAELPHGGRGTSGHGTDMSVLALTEYQRPKTVTVR
LGGS
;
_entity_poly.pdbx_strand_id   A,B
#
# COMPACT_ATOMS: atom_id res chain seq x y z
N THR A 35 -26.43 -13.81 -21.09
CA THR A 35 -25.83 -13.91 -19.77
C THR A 35 -25.83 -15.34 -19.23
N GLN A 36 -24.65 -15.83 -18.86
CA GLN A 36 -24.55 -17.13 -18.21
C GLN A 36 -25.32 -17.15 -16.89
N VAL A 37 -25.81 -18.33 -16.52
CA VAL A 37 -26.51 -18.53 -15.25
C VAL A 37 -25.75 -19.59 -14.47
N ALA A 38 -25.40 -19.27 -13.22
CA ALA A 38 -24.78 -20.24 -12.34
C ALA A 38 -25.87 -21.00 -11.59
N VAL A 39 -25.71 -22.32 -11.50
CA VAL A 39 -26.65 -23.19 -10.79
C VAL A 39 -25.97 -23.57 -9.48
N LEU A 40 -26.36 -22.91 -8.39
CA LEU A 40 -25.73 -23.11 -7.09
C LEU A 40 -26.40 -24.23 -6.32
N THR A 41 -25.62 -24.88 -5.47
CA THR A 41 -26.12 -25.99 -4.65
C THR A 41 -25.93 -25.69 -3.17
N ASP A 42 -26.73 -26.37 -2.37
CA ASP A 42 -26.62 -26.30 -0.91
C ASP A 42 -25.48 -27.19 -0.45
N PRO A 43 -24.44 -26.66 0.23
CA PRO A 43 -23.31 -27.51 0.61
C PRO A 43 -23.67 -28.56 1.65
N ARG A 44 -24.79 -28.41 2.35
CA ARG A 44 -25.24 -29.44 3.29
C ARG A 44 -25.85 -30.65 2.59
N THR A 45 -26.39 -30.50 1.37
CA THR A 45 -27.11 -31.60 0.71
C THR A 45 -26.62 -31.95 -0.68
N GLY A 46 -25.85 -31.08 -1.33
CA GLY A 46 -25.54 -31.29 -2.74
C GLY A 46 -26.65 -30.95 -3.71
N ARG A 47 -27.80 -30.51 -3.23
CA ARG A 47 -28.95 -30.26 -4.09
C ARG A 47 -29.01 -28.81 -4.54
N GLU A 48 -29.66 -28.60 -5.69
CA GLU A 48 -29.81 -27.27 -6.27
C GLU A 48 -30.55 -26.33 -5.32
N ARG A 49 -30.08 -25.08 -5.23
CA ARG A 49 -30.69 -24.08 -4.35
C ARG A 49 -30.97 -22.74 -5.00
N ARG A 50 -30.27 -22.38 -6.07
CA ARG A 50 -30.43 -21.04 -6.63
C ARG A 50 -29.83 -21.01 -8.03
N ARG A 51 -30.52 -20.37 -8.96
CA ARG A 51 -30.02 -20.10 -10.31
C ARG A 51 -29.86 -18.59 -10.43
N ILE A 52 -28.63 -18.13 -10.61
CA ILE A 52 -28.37 -16.69 -10.55
C ILE A 52 -27.42 -16.30 -11.68
N ALA A 53 -27.73 -15.18 -12.34
CA ALA A 53 -26.91 -14.65 -13.41
C ALA A 53 -25.46 -14.50 -13.00
N LEU A 54 -24.57 -14.88 -13.89
CA LEU A 54 -23.12 -14.78 -13.74
C LEU A 54 -22.66 -13.62 -14.62
N ALA A 55 -22.21 -12.53 -14.01
CA ALA A 55 -21.94 -11.31 -14.76
C ALA A 55 -20.73 -11.45 -15.68
N GLY A 56 -20.88 -10.95 -16.91
CA GLY A 56 -19.79 -10.81 -17.84
C GLY A 56 -19.41 -9.35 -18.03
N GLU A 57 -18.62 -9.11 -19.07
CA GLU A 57 -18.11 -7.76 -19.30
C GLU A 57 -19.20 -6.69 -19.35
N PRO A 58 -20.32 -6.87 -20.08
CA PRO A 58 -21.33 -5.79 -20.09
C PRO A 58 -21.86 -5.48 -18.69
N GLU A 59 -22.05 -6.50 -17.86
CA GLU A 59 -22.62 -6.26 -16.54
C GLU A 59 -21.59 -5.63 -15.60
N VAL A 60 -20.35 -6.08 -15.66
CA VAL A 60 -19.29 -5.47 -14.85
C VAL A 60 -19.12 -4.00 -15.24
N THR A 61 -19.05 -3.73 -16.55
CA THR A 61 -18.85 -2.36 -17.01
C THR A 61 -19.98 -1.45 -16.56
N ALA A 62 -21.23 -1.94 -16.60
CA ALA A 62 -22.36 -1.12 -16.18
C ALA A 62 -22.36 -0.91 -14.67
N ALA A 63 -21.93 -1.92 -13.91
CA ALA A 63 -21.87 -1.79 -12.45
C ALA A 63 -20.87 -0.71 -12.06
N VAL A 64 -19.69 -0.70 -12.70
CA VAL A 64 -18.70 0.32 -12.40
C VAL A 64 -19.21 1.70 -12.77
N ALA A 65 -19.94 1.80 -13.89
CA ALA A 65 -20.47 3.12 -14.25
C ALA A 65 -21.53 3.59 -13.26
N GLU A 66 -22.33 2.66 -12.75
CA GLU A 66 -23.32 3.02 -11.73
C GLU A 66 -22.65 3.54 -10.46
N ALA A 67 -21.59 2.84 -9.99
CA ALA A 67 -20.87 3.32 -8.81
C ALA A 67 -20.17 4.64 -9.09
N ARG A 68 -19.61 4.80 -10.29
CA ARG A 68 -18.96 6.06 -10.64
C ARG A 68 -19.97 7.20 -10.63
N GLY A 69 -21.17 6.96 -11.17
CA GLY A 69 -22.19 7.99 -11.20
C GLY A 69 -22.67 8.40 -9.82
N ALA A 70 -22.59 7.49 -8.85
CA ALA A 70 -22.99 7.84 -7.49
C ALA A 70 -21.88 8.52 -6.70
N GLY A 71 -20.65 8.54 -7.24
CA GLY A 71 -19.50 8.90 -6.44
C GLY A 71 -19.51 10.35 -5.97
N SER A 72 -19.96 11.27 -6.83
CA SER A 72 -19.86 12.69 -6.54
C SER A 72 -20.78 13.11 -5.39
N ALA A 73 -22.03 12.65 -5.39
CA ALA A 73 -22.93 13.02 -4.30
C ALA A 73 -22.54 12.32 -3.00
N TRP A 74 -22.07 11.08 -3.08
CA TRP A 74 -21.64 10.37 -1.87
C TRP A 74 -20.41 11.03 -1.26
N ALA A 75 -19.42 11.34 -2.10
CA ALA A 75 -18.22 12.00 -1.59
C ALA A 75 -18.52 13.39 -1.06
N ALA A 76 -19.55 14.07 -1.58
CA ALA A 76 -19.86 15.42 -1.14
C ALA A 76 -20.54 15.48 0.23
N LEU A 77 -21.07 14.37 0.75
CA LEU A 77 -21.67 14.40 2.08
C LEU A 77 -20.63 14.84 3.10
N THR A 78 -21.06 15.65 4.07
CA THR A 78 -20.20 15.93 5.22
C THR A 78 -20.00 14.65 6.04
N PRO A 79 -18.93 14.59 6.84
CA PRO A 79 -18.77 13.41 7.71
C PRO A 79 -19.97 13.16 8.60
N ARG A 80 -20.64 14.21 9.07
CA ARG A 80 -21.83 14.01 9.91
C ARG A 80 -22.91 13.23 9.15
N LEU A 81 -23.18 13.61 7.91
CA LEU A 81 -24.24 12.98 7.15
C LEU A 81 -23.84 11.60 6.67
N ARG A 82 -22.57 11.42 6.28
CA ARG A 82 -22.10 10.11 5.85
C ARG A 82 -22.12 9.10 7.00
N ALA A 83 -21.73 9.54 8.20
CA ALA A 83 -21.78 8.64 9.35
C ALA A 83 -23.22 8.27 9.70
N ARG A 84 -24.15 9.21 9.57
CA ARG A 84 -25.55 8.90 9.86
C ARG A 84 -26.08 7.87 8.87
N CYS A 85 -25.69 7.98 7.59
CA CYS A 85 -26.08 7.00 6.59
C CYS A 85 -25.57 5.61 6.96
N LEU A 86 -24.29 5.53 7.35
CA LEU A 86 -23.72 4.23 7.67
C LEU A 86 -24.33 3.66 8.95
N LEU A 87 -24.70 4.50 9.91
CA LEU A 87 -25.39 4.01 11.10
C LEU A 87 -26.76 3.44 10.75
N ARG A 88 -27.46 4.09 9.84
CA ARG A 88 -28.77 3.56 9.43
C ARG A 88 -28.62 2.26 8.65
N PHE A 89 -27.57 2.17 7.81
CA PHE A 89 -27.23 0.93 7.11
C PHE A 89 -27.05 -0.21 8.12
N ALA A 90 -26.22 0.02 9.14
CA ALA A 90 -25.98 -1.02 10.15
C ALA A 90 -27.27 -1.44 10.85
N ASP A 91 -28.13 -0.47 11.19
CA ASP A 91 -29.37 -0.80 11.90
C ASP A 91 -30.38 -1.50 10.99
N LEU A 92 -30.37 -1.16 9.70
CA LEU A 92 -31.26 -1.86 8.76
C LEU A 92 -30.84 -3.31 8.60
N ILE A 93 -29.53 -3.57 8.52
CA ILE A 93 -29.05 -4.94 8.51
C ILE A 93 -29.52 -5.70 9.75
N GLU A 94 -29.37 -5.11 10.93
CA GLU A 94 -29.79 -5.81 12.14
C GLU A 94 -31.30 -5.96 12.21
N GLU A 95 -32.05 -4.95 11.75
CA GLU A 95 -33.50 -5.11 11.65
C GLU A 95 -33.88 -6.30 10.77
N ARG A 96 -33.08 -6.58 9.74
CA ARG A 96 -33.35 -7.70 8.84
C ARG A 96 -32.39 -8.86 9.08
N SER A 97 -31.95 -9.04 10.33
CA SER A 97 -30.95 -10.06 10.63
C SER A 97 -31.42 -11.46 10.29
N ALA A 98 -32.71 -11.76 10.48
CA ALA A 98 -33.18 -13.11 10.18
C ALA A 98 -32.97 -13.45 8.72
N GLN A 99 -33.23 -12.51 7.82
CA GLN A 99 -32.99 -12.77 6.41
C GLN A 99 -31.50 -12.88 6.11
N TYR A 100 -30.67 -12.05 6.75
CA TYR A 100 -29.23 -12.17 6.53
C TYR A 100 -28.71 -13.52 7.02
N VAL A 101 -29.26 -14.03 8.12
CA VAL A 101 -28.82 -15.33 8.63
C VAL A 101 -29.16 -16.43 7.63
N VAL A 102 -30.41 -16.44 7.15
CA VAL A 102 -30.81 -17.45 6.15
C VAL A 102 -29.94 -17.33 4.91
N ALA A 103 -29.76 -16.10 4.42
CA ALA A 103 -28.96 -15.87 3.22
C ALA A 103 -27.53 -16.34 3.42
N GLU A 104 -26.93 -16.01 4.58
CA GLU A 104 -25.54 -16.40 4.81
C GLU A 104 -25.39 -17.91 4.90
N ARG A 105 -26.33 -18.58 5.55
CA ARG A 105 -26.25 -20.03 5.72
C ARG A 105 -26.48 -20.78 4.41
N SER A 106 -27.25 -20.19 3.49
CA SER A 106 -27.72 -20.94 2.33
C SER A 106 -26.58 -21.50 1.49
N GLY A 107 -25.52 -20.71 1.28
CA GLY A 107 -24.39 -21.13 0.47
C GLY A 107 -23.16 -21.54 1.25
N THR A 108 -23.20 -21.46 2.59
CA THR A 108 -22.07 -21.83 3.43
C THR A 108 -22.31 -23.09 4.25
N GLY A 109 -23.55 -23.34 4.66
CA GLY A 109 -23.80 -24.38 5.67
C GLY A 109 -23.47 -23.98 7.09
N LYS A 110 -23.16 -22.70 7.34
CA LYS A 110 -22.85 -22.25 8.69
C LYS A 110 -23.96 -22.64 9.66
N PRO A 111 -23.62 -23.11 10.86
CA PRO A 111 -24.63 -23.21 11.93
C PRO A 111 -25.30 -21.86 12.18
N ALA A 112 -26.54 -21.92 12.67
CA ALA A 112 -27.32 -20.70 12.87
C ALA A 112 -26.62 -19.74 13.83
N ALA A 113 -26.02 -20.27 14.91
CA ALA A 113 -25.41 -19.40 15.91
C ALA A 113 -24.19 -18.66 15.35
N GLU A 114 -23.39 -19.34 14.52
CA GLU A 114 -22.26 -18.67 13.90
C GLU A 114 -22.72 -17.58 12.93
N ALA A 115 -23.72 -17.88 12.09
CA ALA A 115 -24.21 -16.86 11.15
C ALA A 115 -24.82 -15.68 11.89
N ALA A 116 -25.59 -15.94 12.94
CA ALA A 116 -26.21 -14.85 13.69
C ALA A 116 -25.15 -13.96 14.32
N GLY A 117 -24.08 -14.56 14.86
CA GLY A 117 -23.01 -13.77 15.42
C GLY A 117 -22.28 -12.95 14.39
N GLU A 118 -22.13 -13.50 13.18
CA GLU A 118 -21.45 -12.73 12.14
C GLU A 118 -22.32 -11.58 11.63
N VAL A 119 -23.65 -11.72 11.67
CA VAL A 119 -24.51 -10.59 11.34
C VAL A 119 -24.35 -9.47 12.36
N GLU A 120 -24.24 -9.83 13.65
CA GLU A 120 -24.00 -8.81 14.68
C GLU A 120 -22.65 -8.14 14.49
N SER A 121 -21.62 -8.92 14.13
CA SER A 121 -20.29 -8.35 13.92
C SER A 121 -20.26 -7.46 12.69
N CYS A 122 -21.05 -7.80 11.68
CA CYS A 122 -21.10 -6.98 10.48
C CYS A 122 -21.64 -5.59 10.80
N ALA A 123 -22.81 -5.54 11.45
CA ALA A 123 -23.39 -4.26 11.85
C ALA A 123 -22.44 -3.49 12.75
N ASP A 124 -21.82 -4.16 13.72
CA ASP A 124 -20.93 -3.47 14.63
C ASP A 124 -19.77 -2.84 13.88
N LEU A 125 -19.23 -3.55 12.88
CA LEU A 125 -18.10 -3.00 12.14
C LEU A 125 -18.52 -1.76 11.38
N LEU A 126 -19.71 -1.77 10.78
CA LEU A 126 -20.21 -0.58 10.10
C LEU A 126 -20.39 0.58 11.06
N ARG A 127 -20.92 0.32 12.26
CA ARG A 127 -21.04 1.39 13.26
C ARG A 127 -19.66 1.90 13.65
N PHE A 128 -18.68 1.01 13.79
CA PHE A 128 -17.34 1.44 14.15
C PHE A 128 -16.78 2.43 13.14
N TYR A 129 -16.90 2.12 11.85
CA TYR A 129 -16.37 3.03 10.83
C TYR A 129 -17.24 4.27 10.64
N ALA A 130 -18.55 4.17 10.90
CA ALA A 130 -19.35 5.38 10.97
C ALA A 130 -18.78 6.35 12.01
N GLY A 131 -18.38 5.82 13.16
CA GLY A 131 -17.79 6.67 14.18
C GLY A 131 -16.37 7.08 13.86
N ALA A 132 -15.57 6.15 13.35
CA ALA A 132 -14.17 6.45 13.09
C ALA A 132 -13.99 7.53 12.04
N LEU A 133 -14.91 7.62 11.07
CA LEU A 133 -14.68 8.55 9.96
C LEU A 133 -14.80 10.00 10.40
N ARG A 134 -15.47 10.28 11.51
CA ARG A 134 -15.52 11.63 12.03
C ARG A 134 -14.36 11.96 12.96
N ALA A 135 -13.63 10.95 13.43
CA ALA A 135 -12.67 11.11 14.51
C ALA A 135 -11.23 11.06 14.02
N GLY A 136 -11.01 11.23 12.72
CA GLY A 136 -9.68 11.07 12.18
C GLY A 136 -8.81 12.27 12.44
N THR A 137 -7.52 12.07 12.25
CA THR A 137 -6.53 13.12 12.42
C THR A 137 -5.69 13.24 11.16
N ALA A 138 -4.84 14.25 11.14
CA ALA A 138 -3.91 14.49 10.05
C ALA A 138 -2.70 15.20 10.61
N PRO A 139 -1.58 15.21 9.90
CA PRO A 139 -0.45 16.05 10.33
C PRO A 139 -0.94 17.46 10.65
N ALA A 140 -0.44 18.01 11.76
CA ALA A 140 -0.98 19.25 12.30
C ALA A 140 -0.78 20.42 11.34
N ALA A 141 -1.78 21.29 11.26
CA ALA A 141 -1.77 22.42 10.35
C ALA A 141 -0.98 23.59 10.95
N GLY A 142 -0.68 24.58 10.10
CA GLY A 142 -0.13 25.82 10.60
C GLY A 142 1.06 26.33 9.79
N ARG A 143 2.04 26.87 10.50
CA ARG A 143 3.18 27.55 9.88
C ARG A 143 4.35 26.56 9.82
N LEU A 144 4.32 25.67 8.83
CA LEU A 144 5.42 24.72 8.67
C LEU A 144 6.56 25.29 7.84
N LEU A 145 6.23 26.13 6.87
CA LEU A 145 7.13 26.88 6.01
C LEU A 145 7.00 28.36 6.31
N PRO A 146 8.08 29.14 6.23
CA PRO A 146 7.99 30.58 6.46
C PRO A 146 6.97 31.23 5.53
N GLY A 147 6.06 32.01 6.11
CA GLY A 147 5.11 32.75 5.31
C GLY A 147 4.07 31.91 4.61
N ARG A 148 3.84 30.67 5.06
CA ARG A 148 2.85 29.79 4.46
C ARG A 148 1.93 29.24 5.54
N GLU A 149 0.65 29.15 5.24
CA GLU A 149 -0.28 28.38 6.07
C GLU A 149 -0.56 27.06 5.36
N SER A 150 -0.34 25.94 6.05
CA SER A 150 -0.55 24.64 5.45
C SER A 150 -1.50 23.80 6.29
N TRP A 151 -2.23 22.92 5.63
CA TRP A 151 -3.02 21.90 6.33
C TRP A 151 -3.11 20.66 5.46
N VAL A 152 -3.58 19.56 6.06
CA VAL A 152 -3.67 18.28 5.37
C VAL A 152 -5.09 17.74 5.49
N ARG A 153 -5.70 17.44 4.35
CA ARG A 153 -7.05 16.88 4.32
C ARG A 153 -6.97 15.49 3.69
N TRP A 154 -7.93 14.63 4.02
CA TRP A 154 -8.00 13.30 3.43
C TRP A 154 -9.09 13.28 2.37
N GLU A 155 -8.87 12.52 1.30
CA GLU A 155 -9.77 12.47 0.14
C GLU A 155 -9.93 11.03 -0.35
N PRO A 156 -11.11 10.65 -0.81
CA PRO A 156 -11.33 9.27 -1.28
C PRO A 156 -10.64 9.00 -2.60
N LEU A 157 -10.43 7.70 -2.87
CA LEU A 157 -9.87 7.25 -4.14
C LEU A 157 -10.87 7.34 -5.29
N GLY A 158 -12.14 7.04 -5.01
CA GLY A 158 -13.14 7.03 -6.07
C GLY A 158 -13.96 5.76 -6.01
N VAL A 159 -13.87 4.91 -7.03
CA VAL A 159 -14.60 3.65 -7.03
C VAL A 159 -13.64 2.54 -6.62
N VAL A 160 -14.01 1.78 -5.60
CA VAL A 160 -13.19 0.68 -5.07
C VAL A 160 -13.86 -0.64 -5.42
N ALA A 161 -13.09 -1.55 -6.01
CA ALA A 161 -13.55 -2.93 -6.24
C ALA A 161 -13.23 -3.78 -5.01
N ALA A 162 -14.26 -4.43 -4.47
CA ALA A 162 -14.10 -5.31 -3.32
C ALA A 162 -14.42 -6.73 -3.77
N ILE A 163 -13.42 -7.61 -3.74
CA ILE A 163 -13.54 -8.98 -4.23
C ILE A 163 -13.26 -9.90 -3.04
N VAL A 164 -14.22 -10.74 -2.70
CA VAL A 164 -14.20 -11.41 -1.40
C VAL A 164 -14.52 -12.88 -1.57
N PRO A 165 -14.11 -13.74 -0.59
CA PRO A 165 -14.28 -15.18 -0.72
C PRO A 165 -15.57 -15.69 -0.09
N TRP A 166 -15.76 -17.02 -0.12
CA TRP A 166 -16.97 -17.65 0.37
C TRP A 166 -16.92 -18.03 1.84
N ASN A 167 -15.76 -17.92 2.51
CA ASN A 167 -15.69 -18.50 3.86
C ASN A 167 -16.43 -17.63 4.88
N TYR A 168 -16.33 -16.31 4.78
CA TYR A 168 -17.14 -15.38 5.56
C TYR A 168 -17.70 -14.35 4.60
N PRO A 169 -18.72 -14.71 3.82
CA PRO A 169 -19.19 -13.78 2.78
C PRO A 169 -19.59 -12.43 3.34
N LEU A 170 -20.39 -12.42 4.41
CA LEU A 170 -20.86 -11.16 4.98
C LEU A 170 -19.74 -10.41 5.69
N MET A 171 -18.97 -11.09 6.53
CA MET A 171 -17.93 -10.38 7.29
C MET A 171 -16.82 -9.88 6.38
N MET A 172 -16.43 -10.67 5.37
CA MET A 172 -15.36 -10.18 4.49
C MET A 172 -15.86 -9.03 3.62
N ALA A 173 -17.13 -9.05 3.21
CA ALA A 173 -17.72 -7.88 2.59
C ALA A 173 -17.64 -6.67 3.52
N ALA A 174 -18.05 -6.85 4.78
CA ALA A 174 -18.00 -5.75 5.74
C ALA A 174 -16.58 -5.21 5.91
N TRP A 175 -15.61 -6.12 6.06
CA TRP A 175 -14.22 -5.66 6.26
C TRP A 175 -13.77 -4.73 5.16
N ARG A 176 -14.20 -4.97 3.92
CA ARG A 176 -13.77 -4.14 2.81
C ARG A 176 -14.65 -2.92 2.62
N ILE A 177 -15.98 -3.11 2.57
CA ILE A 177 -16.82 -1.97 2.20
C ILE A 177 -16.92 -0.98 3.34
N GLY A 178 -16.78 -1.43 4.59
CA GLY A 178 -16.90 -0.55 5.75
C GLY A 178 -15.97 0.65 5.66
N PRO A 179 -14.66 0.40 5.69
CA PRO A 179 -13.71 1.52 5.57
C PRO A 179 -13.78 2.23 4.22
N ALA A 180 -14.00 1.48 3.13
CA ALA A 180 -14.04 2.11 1.81
C ALA A 180 -15.18 3.11 1.72
N LEU A 181 -16.39 2.70 2.11
CA LEU A 181 -17.54 3.60 2.10
C LEU A 181 -17.35 4.76 3.06
N ALA A 182 -16.85 4.48 4.28
CA ALA A 182 -16.65 5.52 5.27
C ALA A 182 -15.67 6.58 4.80
N ALA A 183 -14.69 6.20 3.96
CA ALA A 183 -13.72 7.16 3.45
C ALA A 183 -14.26 7.97 2.28
N GLY A 184 -15.50 7.75 1.86
CA GLY A 184 -16.10 8.51 0.78
C GLY A 184 -16.05 7.87 -0.59
N ASN A 185 -15.61 6.62 -0.68
CA ASN A 185 -15.62 5.89 -1.95
C ASN A 185 -16.99 5.25 -2.17
N THR A 186 -17.29 4.99 -3.44
CA THR A 186 -18.34 4.04 -3.80
C THR A 186 -17.69 2.72 -4.15
N VAL A 187 -18.48 1.64 -4.10
CA VAL A 187 -17.93 0.29 -4.06
C VAL A 187 -18.67 -0.62 -5.04
N VAL A 188 -17.91 -1.40 -5.80
CA VAL A 188 -18.44 -2.52 -6.56
C VAL A 188 -17.97 -3.80 -5.85
N LEU A 189 -18.92 -4.56 -5.33
CA LEU A 189 -18.67 -5.73 -4.51
C LEU A 189 -18.87 -6.99 -5.35
N LYS A 190 -17.85 -7.84 -5.41
CA LYS A 190 -17.89 -9.07 -6.22
C LYS A 190 -17.78 -10.24 -5.26
N PRO A 191 -18.89 -10.85 -4.87
CA PRO A 191 -18.84 -11.97 -3.93
C PRO A 191 -18.43 -13.25 -4.63
N ALA A 192 -18.07 -14.24 -3.82
CA ALA A 192 -17.65 -15.53 -4.37
C ALA A 192 -18.82 -16.19 -5.10
N LEU A 193 -18.48 -17.07 -6.06
CA LEU A 193 -19.50 -17.70 -6.90
C LEU A 193 -20.53 -18.44 -6.06
N THR A 194 -20.08 -19.18 -5.06
CA THR A 194 -21.02 -19.98 -4.27
C THR A 194 -21.78 -19.19 -3.21
N THR A 195 -21.43 -17.93 -2.94
CA THR A 195 -22.04 -17.18 -1.83
C THR A 195 -22.34 -15.72 -2.20
N PRO A 196 -23.19 -15.48 -3.20
CA PRO A 196 -23.60 -14.09 -3.48
C PRO A 196 -24.70 -13.57 -2.57
N ASP A 197 -25.29 -14.41 -1.72
CA ASP A 197 -26.61 -14.11 -1.16
C ASP A 197 -26.61 -12.87 -0.26
N THR A 198 -25.70 -12.79 0.71
CA THR A 198 -25.73 -11.60 1.58
C THR A 198 -25.22 -10.35 0.88
N ALA A 199 -24.30 -10.50 -0.07
CA ALA A 199 -23.87 -9.31 -0.84
C ALA A 199 -25.03 -8.68 -1.60
N LEU A 200 -25.98 -9.50 -2.08
CA LEU A 200 -27.15 -8.93 -2.75
C LEU A 200 -28.03 -8.18 -1.77
N LEU A 201 -28.18 -8.70 -0.54
CA LEU A 201 -28.95 -7.99 0.46
C LEU A 201 -28.27 -6.68 0.86
N LEU A 202 -26.93 -6.68 1.01
CA LEU A 202 -26.20 -5.44 1.31
C LEU A 202 -26.48 -4.37 0.27
N ALA A 203 -26.48 -4.73 -1.02
CA ALA A 203 -26.73 -3.74 -2.06
C ALA A 203 -28.14 -3.16 -1.95
N ARG A 204 -29.12 -4.01 -1.65
CA ARG A 204 -30.49 -3.52 -1.47
C ARG A 204 -30.57 -2.56 -0.29
N ASP A 205 -29.99 -2.95 0.85
CA ASP A 205 -30.11 -2.13 2.06
C ASP A 205 -29.23 -0.88 1.99
N ALA A 206 -28.10 -0.96 1.26
CA ALA A 206 -27.31 0.25 1.01
C ALA A 206 -28.09 1.24 0.15
N ALA A 207 -28.82 0.75 -0.85
CA ALA A 207 -29.60 1.66 -1.69
C ALA A 207 -30.59 2.46 -0.86
N GLU A 208 -31.16 1.85 0.18
CA GLU A 208 -32.17 2.50 1.00
C GLU A 208 -31.58 3.50 2.00
N THR A 209 -30.32 3.35 2.36
CA THR A 209 -29.72 4.13 3.44
C THR A 209 -28.55 4.99 3.00
N LEU A 210 -27.74 4.54 2.04
CA LEU A 210 -26.65 5.32 1.49
C LEU A 210 -27.04 6.05 0.22
N GLY A 211 -27.97 5.50 -0.54
CA GLY A 211 -28.34 6.07 -1.81
C GLY A 211 -28.05 5.10 -2.93
N PRO A 212 -28.77 5.23 -4.04
CA PRO A 212 -28.62 4.27 -5.14
C PRO A 212 -27.24 4.33 -5.78
N GLY A 213 -26.70 3.16 -6.06
CA GLY A 213 -25.41 3.07 -6.72
C GLY A 213 -24.19 3.28 -5.85
N VAL A 214 -24.36 3.60 -4.55
CA VAL A 214 -23.20 3.78 -3.69
C VAL A 214 -22.48 2.45 -3.47
N LEU A 215 -23.24 1.37 -3.28
CA LEU A 215 -22.71 0.02 -3.19
C LEU A 215 -23.41 -0.84 -4.24
N VAL A 216 -22.65 -1.41 -5.17
CA VAL A 216 -23.20 -2.22 -6.25
C VAL A 216 -22.63 -3.63 -6.17
N THR A 217 -23.50 -4.63 -6.23
CA THR A 217 -23.09 -6.03 -6.10
C THR A 217 -23.17 -6.72 -7.46
N VAL A 218 -22.12 -7.44 -7.82
CA VAL A 218 -22.00 -8.13 -9.11
C VAL A 218 -21.69 -9.60 -8.88
N PRO A 219 -22.68 -10.49 -8.87
CA PRO A 219 -22.39 -11.91 -8.68
C PRO A 219 -21.61 -12.47 -9.86
N GLY A 220 -20.75 -13.45 -9.59
CA GLY A 220 -20.03 -14.07 -10.68
C GLY A 220 -18.89 -14.94 -10.16
N ASP A 221 -18.10 -15.43 -11.11
CA ASP A 221 -17.02 -16.37 -10.83
C ASP A 221 -15.70 -15.61 -10.89
N ARG A 222 -14.59 -16.35 -10.99
CA ARG A 222 -13.29 -15.70 -10.93
C ARG A 222 -13.04 -14.83 -12.15
N ASP A 223 -13.66 -15.16 -13.29
CA ASP A 223 -13.50 -14.31 -14.46
C ASP A 223 -14.33 -13.03 -14.34
N THR A 224 -15.46 -13.07 -13.63
CA THR A 224 -16.12 -11.83 -13.24
C THR A 224 -15.17 -10.94 -12.43
N GLY A 225 -14.47 -11.54 -11.47
CA GLY A 225 -13.51 -10.78 -10.70
C GLY A 225 -12.39 -10.21 -11.56
N ARG A 226 -11.89 -10.99 -12.52
CA ARG A 226 -10.81 -10.49 -13.37
C ARG A 226 -11.29 -9.33 -14.22
N LEU A 227 -12.52 -9.38 -14.72
CA LEU A 227 -13.06 -8.25 -15.47
C LEU A 227 -13.19 -7.03 -14.59
N LEU A 228 -13.51 -7.21 -13.31
CA LEU A 228 -13.62 -6.05 -12.42
C LEU A 228 -12.25 -5.42 -12.16
N VAL A 229 -11.21 -6.26 -11.95
CA VAL A 229 -9.85 -5.74 -11.78
C VAL A 229 -9.42 -4.90 -12.98
N GLU A 230 -9.84 -5.29 -14.19
CA GLU A 230 -9.47 -4.60 -15.42
C GLU A 230 -10.39 -3.44 -15.78
N SER A 231 -11.40 -3.16 -14.96
CA SER A 231 -12.35 -2.10 -15.27
C SER A 231 -11.85 -0.75 -14.78
N ALA A 232 -12.68 0.28 -14.95
CA ALA A 232 -12.31 1.65 -14.60
C ALA A 232 -12.53 1.92 -13.12
N VAL A 233 -12.08 1.02 -12.25
CA VAL A 233 -12.06 1.26 -10.82
C VAL A 233 -10.71 1.86 -10.46
N ASP A 234 -10.67 2.58 -9.33
CA ASP A 234 -9.45 3.23 -8.89
C ASP A 234 -8.60 2.36 -7.97
N ALA A 235 -9.21 1.37 -7.33
CA ALA A 235 -8.52 0.54 -6.35
C ALA A 235 -9.19 -0.81 -6.30
N VAL A 236 -8.44 -1.81 -5.85
CA VAL A 236 -8.92 -3.17 -5.71
C VAL A 236 -8.59 -3.61 -4.29
N ALA A 237 -9.62 -4.05 -3.54
CA ALA A 237 -9.46 -4.60 -2.20
C ALA A 237 -9.82 -6.07 -2.30
N PHE A 238 -8.82 -6.94 -2.22
CA PHE A 238 -9.00 -8.37 -2.51
C PHE A 238 -8.74 -9.20 -1.28
N THR A 239 -9.60 -10.19 -1.05
CA THR A 239 -9.42 -11.19 -0.01
C THR A 239 -9.58 -12.57 -0.63
N GLY A 240 -8.57 -13.42 -0.52
CA GLY A 240 -8.67 -14.74 -1.13
C GLY A 240 -7.33 -15.48 -1.18
N SER A 241 -7.22 -16.36 -2.17
CA SER A 241 -6.08 -17.27 -2.26
C SER A 241 -4.82 -16.54 -2.73
N GLU A 242 -3.67 -17.12 -2.38
CA GLU A 242 -2.40 -16.57 -2.83
C GLU A 242 -2.30 -16.56 -4.36
N ALA A 243 -2.75 -17.65 -5.00
CA ALA A 243 -2.66 -17.73 -6.46
C ALA A 243 -3.45 -16.61 -7.13
N ALA A 244 -4.64 -16.31 -6.59
CA ALA A 244 -5.44 -15.23 -7.17
C ALA A 244 -4.79 -13.89 -6.91
N GLY A 245 -4.27 -13.69 -5.69
CA GLY A 245 -3.55 -12.46 -5.40
C GLY A 245 -2.41 -12.22 -6.36
N ARG A 246 -1.62 -13.27 -6.63
CA ARG A 246 -0.49 -13.13 -7.56
C ARG A 246 -0.97 -12.76 -8.96
N ASP A 247 -2.10 -13.31 -9.39
CA ASP A 247 -2.64 -12.90 -10.69
C ASP A 247 -3.11 -11.45 -10.66
N ILE A 248 -3.72 -11.04 -9.54
CA ILE A 248 -4.31 -9.71 -9.49
C ILE A 248 -3.23 -8.65 -9.50
N VAL A 249 -2.10 -8.92 -8.83
CA VAL A 249 -0.99 -7.96 -8.82
C VAL A 249 -0.63 -7.55 -10.24
N GLY A 250 -0.45 -8.54 -11.14
CA GLY A 250 -0.11 -8.22 -12.51
C GLY A 250 -1.25 -7.60 -13.29
N ARG A 251 -2.49 -7.99 -13.00
CA ARG A 251 -3.64 -7.54 -13.77
C ARG A 251 -4.10 -6.14 -13.36
N ALA A 252 -3.88 -5.75 -12.10
CA ALA A 252 -4.42 -4.50 -11.58
C ALA A 252 -3.66 -3.27 -12.07
N GLY A 253 -2.49 -3.44 -12.68
CA GLY A 253 -1.77 -2.29 -13.22
C GLY A 253 -1.39 -1.33 -12.11
N LEU A 254 -1.72 -0.06 -12.30
CA LEU A 254 -1.39 0.98 -11.34
C LEU A 254 -2.55 1.31 -10.40
N ARG A 255 -3.61 0.52 -10.40
CA ARG A 255 -4.65 0.71 -9.41
C ARG A 255 -4.09 0.45 -8.03
N ARG A 256 -4.58 1.20 -7.04
CA ARG A 256 -4.15 0.91 -5.69
C ARG A 256 -4.67 -0.47 -5.29
N LEU A 257 -3.82 -1.25 -4.66
CA LEU A 257 -4.15 -2.65 -4.41
C LEU A 257 -3.94 -2.99 -2.94
N SER A 258 -4.88 -3.74 -2.38
CA SER A 258 -4.81 -4.25 -1.01
C SER A 258 -5.10 -5.73 -1.04
N LEU A 259 -4.20 -6.53 -0.45
CA LEU A 259 -4.29 -7.98 -0.53
C LEU A 259 -4.33 -8.59 0.86
N GLU A 260 -5.31 -9.46 1.09
CA GLU A 260 -5.43 -10.27 2.30
C GLU A 260 -5.48 -11.72 1.83
N LEU A 261 -4.37 -12.44 2.00
CA LEU A 261 -4.20 -13.76 1.42
C LEU A 261 -4.17 -14.83 2.51
N GLY A 262 -3.64 -16.00 2.17
CA GLY A 262 -3.77 -17.14 3.06
C GLY A 262 -2.93 -17.01 4.33
N GLY A 263 -3.40 -17.73 5.37
CA GLY A 263 -2.63 -17.92 6.58
C GLY A 263 -2.28 -19.38 6.75
N ASN A 264 -1.43 -19.65 7.73
CA ASN A 264 -1.01 -21.02 8.09
C ASN A 264 -0.53 -20.90 9.53
N CYS A 265 -1.49 -20.71 10.43
CA CYS A 265 -1.24 -20.07 11.72
C CYS A 265 -0.74 -21.07 12.76
N PRO A 266 0.35 -20.75 13.44
CA PRO A 266 0.85 -21.62 14.50
C PRO A 266 0.17 -21.33 15.83
N ALA A 267 0.13 -22.35 16.68
CA ALA A 267 -0.29 -22.21 18.07
C ALA A 267 0.80 -22.86 18.91
N VAL A 268 1.57 -22.04 19.62
CA VAL A 268 2.70 -22.53 20.42
C VAL A 268 2.19 -22.86 21.81
N VAL A 269 2.25 -24.12 22.19
CA VAL A 269 1.69 -24.59 23.45
C VAL A 269 2.85 -25.03 24.33
N LEU A 270 3.12 -24.24 25.37
CA LEU A 270 4.13 -24.54 26.37
C LEU A 270 3.57 -25.49 27.43
N PRO A 271 4.44 -26.17 28.20
CA PRO A 271 3.95 -27.16 29.17
C PRO A 271 3.06 -26.60 30.28
N ASP A 272 3.14 -25.31 30.62
CA ASP A 272 2.25 -24.79 31.65
C ASP A 272 1.02 -24.10 31.06
N ALA A 273 0.63 -24.47 29.84
CA ALA A 273 -0.57 -23.91 29.24
C ALA A 273 -1.81 -24.23 30.09
N PRO A 274 -2.83 -23.38 30.06
CA PRO A 274 -3.98 -23.56 30.96
C PRO A 274 -4.77 -24.81 30.64
N PRO A 275 -5.59 -25.28 31.59
CA PRO A 275 -6.31 -26.55 31.39
C PRO A 275 -7.23 -26.59 30.18
N ASP A 276 -7.85 -25.48 29.80
CA ASP A 276 -8.79 -25.52 28.68
C ASP A 276 -8.12 -25.36 27.31
N THR A 277 -6.79 -25.51 27.23
CA THR A 277 -6.07 -25.19 26.00
C THR A 277 -6.57 -26.02 24.82
N TYR A 278 -6.66 -27.34 25.00
CA TYR A 278 -7.00 -28.21 23.88
C TYR A 278 -8.44 -28.00 23.45
N GLU A 279 -9.35 -27.84 24.41
CA GLU A 279 -10.75 -27.55 24.09
C GLU A 279 -10.87 -26.22 23.34
N ALA A 280 -10.09 -25.21 23.74
CA ALA A 280 -10.22 -23.90 23.10
C ALA A 280 -9.64 -23.91 21.69
N LEU A 281 -8.53 -24.63 21.49
CA LEU A 281 -7.93 -24.73 20.16
C LEU A 281 -8.86 -25.49 19.21
N VAL A 282 -9.46 -26.58 19.70
CA VAL A 282 -10.42 -27.33 18.89
C VAL A 282 -11.66 -26.50 18.58
N ARG A 283 -12.12 -25.70 19.55
CA ARG A 283 -13.25 -24.82 19.27
C ARG A 283 -12.91 -23.83 18.16
N ALA A 284 -11.70 -23.25 18.19
CA ALA A 284 -11.32 -22.30 17.15
C ALA A 284 -11.10 -23.00 15.82
N ALA A 285 -10.57 -24.23 15.85
CA ALA A 285 -10.31 -24.96 14.62
C ALA A 285 -11.57 -25.50 13.96
N THR A 286 -12.67 -25.70 14.71
CA THR A 286 -13.90 -26.19 14.09
C THR A 286 -14.91 -25.07 13.85
N TYR A 287 -14.63 -23.86 14.31
CA TYR A 287 -15.46 -22.72 13.95
C TYR A 287 -15.48 -22.57 12.43
N ASN A 288 -16.67 -22.45 11.85
CA ASN A 288 -16.83 -22.33 10.41
C ASN A 288 -16.16 -23.51 9.69
N ALA A 289 -16.22 -24.70 10.33
CA ALA A 289 -15.61 -25.92 9.79
C ALA A 289 -14.14 -25.72 9.42
N GLY A 290 -13.44 -24.90 10.22
CA GLY A 290 -12.02 -24.67 10.00
C GLY A 290 -11.69 -23.81 8.81
N GLN A 291 -12.69 -23.23 8.15
CA GLN A 291 -12.47 -22.45 6.93
C GLN A 291 -12.20 -20.98 7.27
N SER A 292 -11.11 -20.78 8.03
CA SER A 292 -10.72 -19.46 8.51
C SER A 292 -9.27 -19.20 8.18
N CYS A 293 -8.96 -17.99 7.72
CA CYS A 293 -7.58 -17.64 7.41
C CYS A 293 -6.72 -17.63 8.67
N ALA A 294 -7.32 -17.33 9.82
CA ALA A 294 -6.58 -17.23 11.08
C ALA A 294 -6.86 -18.41 12.01
N SER A 295 -7.45 -19.49 11.49
N SER A 295 -7.46 -19.49 11.50
CA SER A 295 -7.70 -20.66 12.32
CA SER A 295 -7.69 -20.65 12.34
C SER A 295 -6.38 -21.30 12.76
C SER A 295 -6.35 -21.24 12.79
N PRO A 296 -6.32 -21.86 13.97
CA PRO A 296 -5.10 -22.55 14.38
C PRO A 296 -4.90 -23.76 13.49
N SER A 297 -3.67 -23.96 13.04
CA SER A 297 -3.36 -25.07 12.13
C SER A 297 -2.19 -25.89 12.65
N ARG A 298 -1.07 -25.21 12.92
CA ARG A 298 0.19 -25.86 13.30
C ARG A 298 0.37 -25.72 14.81
N VAL A 299 -0.07 -26.72 15.56
CA VAL A 299 0.24 -26.77 16.99
C VAL A 299 1.69 -27.19 17.16
N ILE A 300 2.43 -26.42 17.94
CA ILE A 300 3.85 -26.64 18.21
C ILE A 300 4.03 -26.68 19.72
N THR A 301 4.46 -27.83 20.23
CA THR A 301 4.68 -28.00 21.66
C THR A 301 6.17 -28.12 21.92
N LEU A 302 6.50 -28.33 23.18
CA LEU A 302 7.83 -28.78 23.54
C LEU A 302 7.79 -30.31 23.65
N ARG A 303 8.94 -30.93 23.93
CA ARG A 303 8.94 -32.38 23.95
C ARG A 303 8.20 -32.93 25.16
N GLU A 304 8.19 -32.21 26.28
CA GLU A 304 7.56 -32.76 27.47
C GLU A 304 6.03 -32.75 27.42
N ASN A 305 5.42 -31.87 26.63
CA ASN A 305 3.95 -31.86 26.55
C ASN A 305 3.43 -32.33 25.19
N TYR A 306 4.29 -32.89 24.34
CA TYR A 306 3.87 -33.28 23.00
C TYR A 306 2.78 -34.35 23.04
N GLN A 307 3.02 -35.47 23.74
CA GLN A 307 2.02 -36.53 23.77
C GLN A 307 0.74 -36.08 24.47
N GLN A 308 0.87 -35.31 25.55
CA GLN A 308 -0.31 -34.77 26.22
C GLN A 308 -1.14 -33.93 25.26
N ALA A 309 -0.49 -33.15 24.41
CA ALA A 309 -1.23 -32.32 23.47
C ALA A 309 -1.92 -33.16 22.41
N VAL A 310 -1.19 -34.10 21.80
CA VAL A 310 -1.81 -34.97 20.78
C VAL A 310 -3.05 -35.64 21.34
N GLU A 311 -2.96 -36.20 22.55
CA GLU A 311 -4.10 -36.92 23.10
C GLU A 311 -5.21 -35.98 23.54
N GLY A 312 -4.84 -34.81 24.09
CA GLY A 312 -5.86 -33.88 24.52
C GLY A 312 -6.61 -33.27 23.35
N LEU A 313 -5.89 -32.92 22.29
CA LEU A 313 -6.54 -32.42 21.09
C LEU A 313 -7.44 -33.48 20.48
N ALA A 314 -6.97 -34.73 20.43
CA ALA A 314 -7.77 -35.81 19.84
C ALA A 314 -9.04 -36.05 20.66
N LYS A 315 -8.93 -35.99 21.99
CA LYS A 315 -10.12 -36.15 22.80
C LYS A 315 -11.12 -35.02 22.57
N ALA A 316 -10.62 -33.78 22.51
CA ALA A 316 -11.52 -32.65 22.28
C ALA A 316 -12.10 -32.69 20.87
N MET A 317 -11.28 -33.05 19.87
CA MET A 317 -11.79 -33.07 18.50
C MET A 317 -12.82 -34.18 18.32
N HIS A 318 -12.60 -35.32 19.01
CA HIS A 318 -13.53 -36.43 18.87
C HIS A 318 -14.95 -36.05 19.28
N ALA A 319 -15.09 -35.07 20.17
CA ALA A 319 -16.41 -34.60 20.59
C ALA A 319 -17.09 -33.69 19.56
N ARG A 320 -16.37 -33.27 18.52
CA ARG A 320 -16.94 -32.39 17.50
C ARG A 320 -17.26 -33.24 16.27
N ARG A 321 -18.54 -33.46 16.02
CA ARG A 321 -18.99 -34.31 14.92
C ARG A 321 -19.47 -33.44 13.76
N ALA A 322 -18.78 -33.55 12.63
CA ALA A 322 -19.21 -32.88 11.40
C ALA A 322 -20.64 -33.29 11.08
N GLY A 323 -21.50 -32.30 10.85
CA GLY A 323 -22.90 -32.52 10.60
C GLY A 323 -23.80 -32.21 11.77
N VAL A 324 -23.24 -32.16 12.97
CA VAL A 324 -23.97 -31.82 14.18
C VAL A 324 -23.38 -30.59 14.85
N ASP A 325 -22.07 -30.61 15.09
CA ASP A 325 -21.39 -29.55 15.82
C ASP A 325 -20.73 -28.53 14.91
N PHE A 326 -20.56 -28.85 13.62
CA PHE A 326 -20.10 -27.84 12.67
C PHE A 326 -20.53 -28.25 11.27
N GLY A 327 -20.39 -27.32 10.35
CA GLY A 327 -21.00 -27.42 9.04
C GLY A 327 -20.12 -28.11 8.02
N PRO A 328 -20.58 -28.13 6.76
CA PRO A 328 -19.81 -28.76 5.69
C PRO A 328 -18.66 -27.88 5.21
N LEU A 329 -17.78 -28.49 4.43
CA LEU A 329 -16.89 -27.67 3.62
C LEU A 329 -17.71 -27.04 2.50
N ASN A 330 -17.19 -25.96 1.94
CA ASN A 330 -18.03 -25.11 1.09
C ASN A 330 -18.47 -25.78 -0.21
N ASN A 331 -17.65 -26.65 -0.78
CA ASN A 331 -17.94 -27.16 -2.11
C ASN A 331 -17.12 -28.41 -2.36
N ALA A 332 -17.38 -29.06 -3.50
CA ALA A 332 -16.70 -30.32 -3.80
C ALA A 332 -15.21 -30.15 -4.00
N ASP A 333 -14.78 -28.97 -4.47
CA ASP A 333 -13.34 -28.73 -4.63
C ASP A 333 -12.64 -28.69 -3.28
N GLN A 334 -13.27 -28.07 -2.28
CA GLN A 334 -12.70 -28.05 -0.94
C GLN A 334 -12.59 -29.44 -0.35
N ALA A 335 -13.62 -30.27 -0.54
CA ALA A 335 -13.59 -31.61 0.03
C ALA A 335 -12.53 -32.47 -0.64
N ALA A 336 -12.36 -32.30 -1.96
CA ALA A 336 -11.30 -33.05 -2.66
C ALA A 336 -9.92 -32.56 -2.24
N ARG A 337 -9.78 -31.26 -2.00
CA ARG A 337 -8.51 -30.73 -1.52
C ARG A 337 -8.15 -31.29 -0.15
N TYR A 338 -9.13 -31.33 0.77
CA TYR A 338 -8.96 -32.02 2.03
C TYR A 338 -8.44 -33.43 1.82
N ASP A 339 -9.11 -34.19 0.95
CA ASP A 339 -8.70 -35.58 0.72
C ASP A 339 -7.26 -35.67 0.20
N ARG A 340 -6.87 -34.77 -0.71
CA ARG A 340 -5.53 -34.85 -1.29
C ARG A 340 -4.45 -34.56 -0.25
N ILE A 341 -4.65 -33.52 0.56
CA ILE A 341 -3.62 -33.17 1.54
C ILE A 341 -3.49 -34.28 2.58
N VAL A 342 -4.62 -34.77 3.09
CA VAL A 342 -4.57 -35.85 4.08
C VAL A 342 -3.90 -37.09 3.51
N ALA A 343 -4.22 -37.45 2.26
CA ALA A 343 -3.60 -38.62 1.65
C ALA A 343 -2.10 -38.42 1.45
N ARG A 344 -1.69 -37.19 1.11
CA ARG A 344 -0.27 -36.92 0.90
C ARG A 344 0.53 -36.84 2.19
N SER A 345 -0.11 -36.61 3.33
CA SER A 345 0.60 -36.44 4.59
C SER A 345 1.32 -37.71 4.99
N GLY A 346 2.49 -37.55 5.60
CA GLY A 346 3.24 -38.68 6.11
C GLY A 346 3.10 -38.82 7.60
N ALA A 347 2.04 -38.24 8.15
CA ALA A 347 1.80 -38.29 9.59
C ALA A 347 1.79 -39.72 10.08
N GLY A 348 2.58 -39.99 11.12
CA GLY A 348 2.55 -41.30 11.75
C GLY A 348 1.41 -41.52 12.70
N ILE A 349 0.75 -40.44 13.12
CA ILE A 349 -0.37 -40.50 14.03
C ILE A 349 -1.53 -39.76 13.40
N GLU A 350 -2.70 -40.39 13.39
CA GLU A 350 -3.89 -39.80 12.79
C GLU A 350 -5.08 -40.14 13.66
N HIS A 351 -5.75 -39.12 14.19
CA HIS A 351 -7.00 -39.29 14.91
C HIS A 351 -8.11 -38.63 14.11
N VAL A 352 -9.13 -39.41 13.75
CA VAL A 352 -10.24 -38.95 12.94
C VAL A 352 -11.46 -38.85 13.82
N ALA A 353 -12.11 -37.69 13.83
CA ALA A 353 -13.36 -37.48 14.54
C ALA A 353 -14.52 -38.06 13.73
N PRO A 354 -15.70 -38.19 14.34
CA PRO A 354 -16.83 -38.82 13.64
C PRO A 354 -17.46 -37.92 12.57
N LEU A 355 -18.02 -38.58 11.56
CA LEU A 355 -18.86 -37.96 10.54
C LEU A 355 -20.31 -38.32 10.82
N ALA A 356 -21.17 -37.32 11.00
CA ALA A 356 -22.57 -37.57 11.34
C ALA A 356 -23.51 -36.60 10.60
N PRO A 357 -23.54 -36.64 9.28
CA PRO A 357 -24.51 -35.83 8.53
C PRO A 357 -25.92 -36.31 8.80
N PRO A 358 -26.86 -35.39 9.00
CA PRO A 358 -28.26 -35.78 9.26
C PRO A 358 -28.86 -36.50 8.07
N PRO A 359 -29.91 -37.29 8.28
CA PRO A 359 -30.58 -37.95 7.15
C PRO A 359 -31.05 -36.92 6.13
N GLY A 360 -30.75 -37.18 4.85
CA GLY A 360 -31.03 -36.23 3.80
C GLY A 360 -29.86 -35.32 3.48
N GLU A 361 -28.81 -35.31 4.29
CA GLU A 361 -27.64 -34.48 4.07
C GLU A 361 -26.42 -35.29 3.71
N GLU A 362 -26.61 -36.56 3.34
CA GLU A 362 -25.48 -37.43 2.99
C GLU A 362 -24.72 -36.93 1.76
N GLY A 363 -25.36 -36.18 0.88
CA GLY A 363 -24.65 -35.65 -0.28
C GLY A 363 -23.92 -34.34 -0.09
N GLY A 364 -23.91 -33.77 1.11
CA GLY A 364 -23.18 -32.55 1.35
C GLY A 364 -21.68 -32.79 1.47
N HIS A 365 -20.92 -31.71 1.52
CA HIS A 365 -19.45 -31.80 1.45
C HIS A 365 -18.83 -31.98 2.84
N TRP A 366 -19.27 -33.05 3.51
CA TRP A 366 -18.91 -33.28 4.90
C TRP A 366 -17.52 -33.92 5.01
N ARG A 367 -16.67 -33.36 5.86
CA ARG A 367 -15.36 -33.91 6.20
C ARG A 367 -15.15 -33.78 7.70
N PRO A 368 -14.56 -34.79 8.33
CA PRO A 368 -14.45 -34.78 9.79
C PRO A 368 -13.23 -34.01 10.29
N GLY A 369 -13.28 -33.69 11.59
CA GLY A 369 -12.11 -33.15 12.25
C GLY A 369 -10.99 -34.18 12.30
N ARG A 370 -9.75 -33.70 12.34
CA ARG A 370 -8.59 -34.58 12.30
C ARG A 370 -7.45 -34.00 13.12
N ILE A 371 -6.75 -34.86 13.86
CA ILE A 371 -5.47 -34.52 14.47
C ILE A 371 -4.40 -35.37 13.81
N LEU A 372 -3.37 -34.74 13.27
CA LEU A 372 -2.24 -35.43 12.66
C LEU A 372 -0.98 -35.12 13.45
N ALA A 373 -0.18 -36.15 13.75
CA ALA A 373 1.07 -35.92 14.46
C ALA A 373 2.12 -36.91 13.97
N ASP A 374 3.30 -36.83 14.58
CA ASP A 374 4.48 -37.58 14.15
C ASP A 374 4.79 -37.33 12.66
N LEU A 375 5.13 -36.10 12.34
CA LEU A 375 5.30 -35.74 10.94
C LEU A 375 6.54 -34.87 10.74
N PRO A 376 7.14 -34.92 9.56
CA PRO A 376 8.31 -34.06 9.28
C PRO A 376 7.91 -32.60 9.17
N ALA A 377 8.93 -31.74 9.28
CA ALA A 377 8.68 -30.30 9.29
C ALA A 377 8.22 -29.76 7.94
N ASP A 378 8.42 -30.53 6.87
CA ASP A 378 7.96 -30.14 5.54
C ASP A 378 6.79 -31.00 5.07
N ASP A 379 6.05 -31.60 6.00
CA ASP A 379 4.91 -32.41 5.62
C ASP A 379 3.86 -31.57 4.87
N PRO A 380 3.20 -32.14 3.86
CA PRO A 380 2.09 -31.41 3.19
C PRO A 380 1.02 -30.85 4.13
N ALA A 381 0.60 -31.61 5.14
CA ALA A 381 -0.41 -31.09 6.06
C ALA A 381 0.09 -29.91 6.89
N VAL A 382 1.40 -29.81 7.08
CA VAL A 382 2.00 -28.68 7.81
C VAL A 382 2.16 -27.47 6.90
N CYS A 383 2.69 -27.70 5.68
CA CYS A 383 3.06 -26.60 4.79
C CYS A 383 1.86 -26.03 4.05
N GLU A 384 0.82 -26.81 3.81
CA GLU A 384 -0.33 -26.30 3.10
C GLU A 384 -1.37 -25.77 4.07
N GLU A 385 -2.14 -24.79 3.61
CA GLU A 385 -3.30 -24.32 4.37
C GLU A 385 -4.44 -25.30 4.13
N VAL A 386 -4.74 -26.15 5.11
CA VAL A 386 -5.73 -27.20 4.90
C VAL A 386 -7.13 -26.62 4.79
N PHE A 387 -7.42 -25.56 5.54
CA PHE A 387 -8.69 -24.84 5.44
C PHE A 387 -9.86 -25.76 5.79
N ALA A 388 -9.69 -26.49 6.87
CA ALA A 388 -10.65 -27.47 7.35
C ALA A 388 -10.28 -27.79 8.79
N PRO A 389 -11.12 -28.55 9.52
CA PRO A 389 -10.77 -28.69 10.96
C PRO A 389 -9.71 -29.76 11.18
N VAL A 390 -8.50 -29.44 10.73
CA VAL A 390 -7.35 -30.32 10.85
C VAL A 390 -6.27 -29.57 11.61
N LEU A 391 -5.71 -30.21 12.64
CA LEU A 391 -4.59 -29.66 13.39
C LEU A 391 -3.41 -30.63 13.27
N THR A 392 -2.24 -30.10 12.95
CA THR A 392 -1.00 -30.86 13.04
C THR A 392 -0.32 -30.52 14.37
N VAL A 393 0.42 -31.49 14.92
CA VAL A 393 1.12 -31.32 16.17
C VAL A 393 2.58 -31.67 15.95
N GLN A 394 3.47 -30.73 16.30
CA GLN A 394 4.92 -30.89 16.19
C GLN A 394 5.55 -30.54 17.54
N ALA A 395 6.68 -31.17 17.84
CA ALA A 395 7.41 -30.91 19.07
C ALA A 395 8.72 -30.20 18.77
N ALA A 396 9.08 -29.25 19.63
CA ALA A 396 10.35 -28.56 19.56
C ALA A 396 11.12 -28.79 20.85
N ASP A 397 12.44 -28.54 20.81
CA ASP A 397 13.29 -28.80 21.98
C ASP A 397 13.11 -27.73 23.05
N ASP A 398 12.98 -26.48 22.65
CA ASP A 398 12.89 -25.37 23.59
C ASP A 398 12.07 -24.27 22.93
N PRO A 399 11.68 -23.23 23.67
CA PRO A 399 10.92 -22.14 23.05
C PRO A 399 11.61 -21.51 21.86
N ALA A 400 12.95 -21.46 21.85
CA ALA A 400 13.66 -20.93 20.70
C ALA A 400 13.33 -21.71 19.43
N GLU A 401 13.39 -23.05 19.48
CA GLU A 401 13.07 -23.83 18.29
C GLU A 401 11.58 -23.81 18.00
N ALA A 402 10.74 -23.68 19.03
CA ALA A 402 9.31 -23.53 18.78
C ALA A 402 9.04 -22.27 17.97
N LEU A 403 9.73 -21.19 18.30
CA LEU A 403 9.58 -19.94 17.55
C LEU A 403 10.07 -20.10 16.12
N ALA A 404 11.20 -20.79 15.93
CA ALA A 404 11.73 -21.00 14.58
C ALA A 404 10.73 -21.75 13.71
N LEU A 405 10.11 -22.79 14.26
CA LEU A 405 9.07 -23.51 13.54
C LEU A 405 7.86 -22.61 13.26
N ALA A 406 7.41 -21.87 14.27
CA ALA A 406 6.23 -21.02 14.10
C ALA A 406 6.46 -19.96 13.04
N ASN A 407 7.70 -19.44 12.94
CA ASN A 407 8.06 -18.42 11.97
C ASN A 407 8.67 -19.01 10.70
N GLY A 408 8.62 -20.33 10.53
CA GLY A 408 9.32 -20.95 9.42
C GLY A 408 8.43 -21.21 8.21
N MET A 409 7.33 -20.48 8.08
CA MET A 409 6.47 -20.63 6.92
C MET A 409 6.46 -19.35 6.08
N PRO A 410 6.19 -19.44 4.78
CA PRO A 410 6.05 -18.21 3.98
C PRO A 410 4.89 -17.34 4.44
N GLN A 411 3.79 -17.96 4.84
CA GLN A 411 2.63 -17.21 5.29
C GLN A 411 2.82 -16.78 6.74
N ALA A 412 2.28 -15.61 7.07
CA ALA A 412 2.51 -15.00 8.38
C ALA A 412 1.33 -14.06 8.65
N LEU A 413 0.27 -14.60 9.23
CA LEU A 413 -0.96 -13.83 9.40
C LEU A 413 -1.36 -13.70 10.87
N ALA A 414 -1.57 -14.81 11.57
CA ALA A 414 -1.99 -14.79 12.96
C ALA A 414 -1.30 -15.94 13.67
N ALA A 415 -1.33 -15.91 15.00
CA ALA A 415 -0.64 -16.90 15.81
C ALA A 415 -1.23 -16.87 17.21
N SER A 416 -1.03 -17.96 17.96
CA SER A 416 -1.36 -17.93 19.38
C SER A 416 -0.24 -18.59 20.18
N VAL A 417 -0.16 -18.20 21.45
CA VAL A 417 0.79 -18.73 22.43
C VAL A 417 -0.01 -19.15 23.65
N TRP A 418 0.27 -20.33 24.18
CA TRP A 418 -0.44 -20.87 25.34
C TRP A 418 0.56 -21.19 26.44
N GLY A 419 0.40 -20.56 27.59
CA GLY A 419 1.37 -20.68 28.67
C GLY A 419 0.93 -19.79 29.82
N SER A 420 1.58 -19.99 30.97
CA SER A 420 1.21 -19.29 32.19
C SER A 420 2.16 -18.17 32.58
N ARG A 421 3.43 -18.24 32.20
CA ARG A 421 4.43 -17.30 32.70
C ARG A 421 4.50 -16.07 31.80
N THR A 422 4.39 -14.89 32.43
CA THR A 422 4.24 -13.64 31.69
C THR A 422 5.42 -13.39 30.77
N ASP A 423 6.63 -13.53 31.30
CA ASP A 423 7.81 -13.19 30.50
C ASP A 423 7.93 -14.09 29.28
N ALA A 424 7.66 -15.39 29.46
CA ALA A 424 7.80 -16.34 28.36
C ALA A 424 6.79 -16.06 27.24
N VAL A 425 5.51 -15.94 27.58
CA VAL A 425 4.49 -15.80 26.53
C VAL A 425 4.60 -14.44 25.87
N LEU A 426 4.90 -13.39 26.64
CA LEU A 426 4.95 -12.05 26.05
C LEU A 426 6.20 -11.86 25.20
N GLU A 427 7.30 -12.52 25.54
CA GLU A 427 8.47 -12.46 24.68
C GLU A 427 8.20 -13.17 23.35
N LEU A 428 7.50 -14.31 23.40
CA LEU A 428 7.09 -14.98 22.17
C LEU A 428 6.13 -14.14 21.35
N ALA A 429 5.17 -13.47 22.01
CA ALA A 429 4.21 -12.66 21.27
C ALA A 429 4.90 -11.56 20.48
N GLY A 430 5.96 -10.98 21.04
CA GLY A 430 6.73 -9.99 20.31
C GLY A 430 7.49 -10.56 19.12
N GLU A 431 7.99 -11.80 19.24
CA GLU A 431 8.85 -12.39 18.21
C GLU A 431 8.07 -13.04 17.07
N LEU A 432 6.85 -13.49 17.30
CA LEU A 432 6.09 -14.18 16.27
C LEU A 432 5.80 -13.25 15.09
N ASN A 433 5.91 -13.78 13.87
CA ASN A 433 5.65 -12.99 12.65
C ASN A 433 4.17 -13.14 12.30
N ALA A 434 3.37 -12.14 12.66
CA ALA A 434 1.92 -12.21 12.58
C ALA A 434 1.34 -10.82 12.85
N GLY A 435 0.18 -10.55 12.24
CA GLY A 435 -0.54 -9.32 12.55
C GLY A 435 -1.43 -9.40 13.77
N GLU A 436 -1.64 -10.60 14.32
CA GLU A 436 -2.41 -10.82 15.53
C GLU A 436 -1.77 -11.97 16.29
N VAL A 437 -1.49 -11.76 17.58
CA VAL A 437 -1.05 -12.84 18.45
C VAL A 437 -2.00 -12.89 19.63
N TRP A 438 -2.65 -14.03 19.83
CA TRP A 438 -3.48 -14.26 21.00
C TRP A 438 -2.70 -15.03 22.04
N VAL A 439 -2.86 -14.66 23.31
CA VAL A 439 -2.22 -15.36 24.42
C VAL A 439 -3.29 -16.05 25.23
N ASN A 440 -3.22 -17.39 25.28
CA ASN A 440 -4.20 -18.25 25.96
C ASN A 440 -5.61 -18.11 25.38
N CYS A 441 -5.69 -17.69 24.12
CA CYS A 441 -6.95 -17.72 23.37
C CYS A 441 -6.60 -17.80 21.89
N HIS A 442 -7.63 -17.80 21.05
CA HIS A 442 -7.39 -17.82 19.61
C HIS A 442 -8.67 -17.39 18.90
N LEU A 443 -8.49 -16.63 17.81
CA LEU A 443 -9.58 -16.30 16.87
C LEU A 443 -10.60 -15.34 17.49
N GLU A 444 -10.13 -14.37 18.25
CA GLU A 444 -11.00 -13.40 18.91
C GLU A 444 -10.69 -12.02 18.38
N GLN A 445 -11.69 -11.40 17.74
CA GLN A 445 -11.48 -10.15 17.02
C GLN A 445 -12.56 -9.14 17.37
N THR A 446 -12.21 -7.87 17.22
CA THR A 446 -13.14 -6.77 17.45
C THR A 446 -12.75 -5.62 16.54
N ALA A 447 -13.73 -4.75 16.26
CA ALA A 447 -13.57 -3.76 15.20
C ALA A 447 -12.44 -2.78 15.46
N GLU A 448 -12.08 -2.56 16.73
CA GLU A 448 -11.05 -1.59 17.07
C GLU A 448 -9.62 -2.06 16.79
N LEU A 449 -9.39 -3.38 16.68
CA LEU A 449 -8.04 -3.92 16.69
C LEU A 449 -7.67 -4.48 15.33
N PRO A 450 -6.49 -4.16 14.80
CA PRO A 450 -6.17 -4.51 13.41
C PRO A 450 -5.84 -5.98 13.22
N HIS A 451 -5.98 -6.39 11.95
CA HIS A 451 -5.69 -7.71 11.42
C HIS A 451 -4.98 -7.52 10.08
N GLY A 452 -3.96 -8.32 9.82
CA GLY A 452 -3.26 -8.17 8.55
C GLY A 452 -1.97 -8.94 8.45
N GLY A 453 -1.55 -9.30 7.23
CA GLY A 453 -0.52 -10.28 7.04
C GLY A 453 0.87 -9.69 6.83
N ARG A 454 1.84 -10.60 6.79
CA ARG A 454 3.19 -10.37 6.32
C ARG A 454 3.57 -11.53 5.41
N GLY A 455 4.78 -11.48 4.86
CA GLY A 455 5.23 -12.58 4.01
C GLY A 455 4.35 -12.70 2.78
N THR A 456 3.86 -13.91 2.52
CA THR A 456 2.97 -14.16 1.38
C THR A 456 1.50 -14.06 1.75
N SER A 457 1.18 -13.54 2.95
CA SER A 457 -0.21 -13.39 3.37
C SER A 457 -0.81 -12.06 2.94
N GLY A 458 -0.08 -11.28 2.15
CA GLY A 458 -0.55 -9.96 1.77
C GLY A 458 -0.18 -8.93 2.83
N HIS A 459 -0.40 -7.66 2.49
CA HIS A 459 -0.06 -6.59 3.40
C HIS A 459 -1.23 -5.66 3.67
N GLY A 460 -2.45 -6.13 3.53
CA GLY A 460 -3.59 -5.31 3.83
C GLY A 460 -3.83 -5.20 5.32
N THR A 461 -4.63 -4.19 5.71
CA THR A 461 -5.00 -3.98 7.10
C THR A 461 -6.52 -3.93 7.17
N ASP A 462 -7.11 -4.81 7.96
CA ASP A 462 -8.56 -4.83 8.14
C ASP A 462 -8.90 -4.66 9.61
N MET A 463 -10.04 -4.00 9.87
CA MET A 463 -10.46 -3.54 11.19
C MET A 463 -9.53 -2.45 11.71
N SER A 464 -9.97 -1.75 12.76
CA SER A 464 -9.28 -0.61 13.39
C SER A 464 -9.32 0.63 12.50
N VAL A 465 -9.01 1.80 13.09
CA VAL A 465 -8.90 3.03 12.31
C VAL A 465 -7.82 2.91 11.23
N LEU A 466 -6.85 2.02 11.41
CA LEU A 466 -5.76 1.89 10.44
C LEU A 466 -6.24 1.44 9.06
N ALA A 467 -7.39 0.76 8.98
CA ALA A 467 -7.89 0.29 7.70
C ALA A 467 -8.29 1.44 6.79
N LEU A 468 -8.67 2.58 7.37
CA LEU A 468 -9.18 3.68 6.55
C LEU A 468 -8.13 4.21 5.59
N THR A 469 -6.84 4.13 5.96
CA THR A 469 -5.78 4.72 5.15
C THR A 469 -5.65 4.04 3.79
N GLU A 470 -6.01 2.76 3.70
CA GLU A 470 -5.96 2.09 2.40
C GLU A 470 -6.90 2.72 1.38
N TYR A 471 -7.93 3.46 1.81
CA TYR A 471 -9.01 3.89 0.93
C TYR A 471 -9.06 5.39 0.76
N GLN A 472 -8.04 6.12 1.22
CA GLN A 472 -8.02 7.56 1.08
C GLN A 472 -6.59 8.01 0.88
N ARG A 473 -6.45 9.25 0.41
CA ARG A 473 -5.14 9.83 0.12
C ARG A 473 -5.06 11.20 0.75
N PRO A 474 -3.90 11.58 1.28
CA PRO A 474 -3.76 12.92 1.84
C PRO A 474 -3.53 13.95 0.75
N LYS A 475 -3.95 15.18 1.04
CA LYS A 475 -3.60 16.33 0.22
C LYS A 475 -3.08 17.43 1.13
N THR A 476 -1.86 17.89 0.86
CA THR A 476 -1.31 19.08 1.53
C THR A 476 -1.75 20.32 0.76
N VAL A 477 -2.40 21.25 1.46
CA VAL A 477 -2.68 22.57 0.92
C VAL A 477 -1.73 23.56 1.59
N THR A 478 -0.99 24.31 0.78
CA THR A 478 0.00 25.28 1.28
C THR A 478 -0.27 26.63 0.64
N VAL A 479 -0.54 27.65 1.46
CA VAL A 479 -1.03 28.95 0.99
C VAL A 479 -0.01 30.03 1.31
N ARG A 480 0.38 30.81 0.30
CA ARG A 480 1.31 31.91 0.53
C ARG A 480 0.62 33.04 1.28
N LEU A 481 1.29 33.56 2.31
CA LEU A 481 0.75 34.70 3.04
C LEU A 481 1.52 35.96 2.61
N MET B 32 34.15 -17.35 -13.52
CA MET B 32 34.54 -16.67 -14.76
C MET B 32 34.64 -15.16 -14.52
N GLU B 33 35.84 -14.62 -14.73
CA GLU B 33 36.06 -13.19 -14.58
C GLU B 33 35.11 -12.41 -15.49
N ASP B 34 34.41 -11.44 -14.89
CA ASP B 34 33.37 -10.71 -15.62
C ASP B 34 33.01 -9.45 -14.86
N THR B 35 33.12 -8.30 -15.51
CA THR B 35 32.76 -7.02 -14.90
C THR B 35 32.02 -6.19 -15.93
N GLN B 36 30.79 -5.77 -15.61
CA GLN B 36 30.13 -4.77 -16.41
C GLN B 36 30.56 -3.38 -15.96
N VAL B 37 30.79 -2.50 -16.92
CA VAL B 37 31.44 -1.21 -16.70
C VAL B 37 30.59 -0.12 -17.32
N ALA B 38 30.52 1.03 -16.65
CA ALA B 38 29.94 2.23 -17.25
C ALA B 38 30.97 3.35 -17.16
N VAL B 39 31.18 4.03 -18.27
CA VAL B 39 31.99 5.24 -18.30
C VAL B 39 31.00 6.41 -18.22
N LEU B 40 30.88 7.01 -17.05
CA LEU B 40 29.93 8.09 -16.85
C LEU B 40 30.54 9.42 -17.27
N THR B 41 29.69 10.32 -17.77
CA THR B 41 30.12 11.62 -18.28
C THR B 41 29.42 12.73 -17.49
N ASP B 42 30.08 13.88 -17.42
CA ASP B 42 29.50 15.05 -16.79
C ASP B 42 28.47 15.65 -17.74
N PRO B 43 27.19 15.79 -17.33
CA PRO B 43 26.17 16.31 -18.26
C PRO B 43 26.40 17.76 -18.66
N ARG B 44 27.25 18.50 -17.94
CA ARG B 44 27.56 19.87 -18.33
C ARG B 44 28.55 19.93 -19.49
N THR B 45 29.38 18.91 -19.67
CA THR B 45 30.48 18.96 -20.63
C THR B 45 30.52 17.82 -21.63
N GLY B 46 29.91 16.66 -21.32
CA GLY B 46 30.07 15.47 -22.15
C GLY B 46 31.36 14.69 -21.93
N ARG B 47 32.23 15.12 -21.02
CA ARG B 47 33.49 14.42 -20.82
C ARG B 47 33.39 13.36 -19.72
N GLU B 48 34.25 12.35 -19.84
CA GLU B 48 34.37 11.32 -18.81
C GLU B 48 34.54 11.94 -17.43
N ARG B 49 33.83 11.38 -16.44
CA ARG B 49 33.98 11.88 -15.08
C ARG B 49 34.25 10.75 -14.10
N ARG B 50 33.81 9.54 -14.44
CA ARG B 50 33.90 8.42 -13.52
C ARG B 50 33.66 7.11 -14.24
N ARG B 51 34.55 6.13 -14.04
CA ARG B 51 34.35 4.77 -14.53
C ARG B 51 33.95 3.90 -13.36
N ILE B 52 32.81 3.22 -13.47
CA ILE B 52 32.28 2.49 -12.32
C ILE B 52 31.82 1.11 -12.76
N ALA B 53 32.02 0.12 -11.90
CA ALA B 53 31.50 -1.21 -12.17
C ALA B 53 30.02 -1.25 -11.79
N LEU B 54 29.23 -1.95 -12.59
CA LEU B 54 27.80 -2.10 -12.34
C LEU B 54 27.54 -3.42 -11.63
N ALA B 55 26.58 -3.41 -10.72
CA ALA B 55 26.25 -4.62 -9.97
C ALA B 55 25.42 -5.57 -10.84
N GLY B 56 25.82 -6.84 -10.85
CA GLY B 56 25.04 -7.90 -11.45
C GLY B 56 24.39 -8.77 -10.39
N GLU B 57 23.89 -9.92 -10.84
CA GLU B 57 23.20 -10.82 -9.92
C GLU B 57 24.03 -11.17 -8.69
N PRO B 58 25.32 -11.51 -8.80
CA PRO B 58 26.07 -11.84 -7.58
C PRO B 58 26.15 -10.69 -6.59
N GLU B 59 26.35 -9.47 -7.08
CA GLU B 59 26.47 -8.31 -6.19
C GLU B 59 25.14 -7.94 -5.56
N VAL B 60 24.05 -8.04 -6.33
CA VAL B 60 22.71 -7.79 -5.78
C VAL B 60 22.38 -8.82 -4.71
N THR B 61 22.60 -10.10 -5.03
CA THR B 61 22.31 -11.16 -4.05
C THR B 61 23.11 -10.95 -2.77
N ALA B 62 24.40 -10.60 -2.92
CA ALA B 62 25.25 -10.38 -1.76
C ALA B 62 24.81 -9.15 -0.96
N ALA B 63 24.38 -8.09 -1.65
CA ALA B 63 23.94 -6.89 -0.94
C ALA B 63 22.69 -7.16 -0.12
N VAL B 64 21.74 -7.90 -0.69
CA VAL B 64 20.51 -8.23 0.04
C VAL B 64 20.83 -9.11 1.24
N ALA B 65 21.76 -10.06 1.08
CA ALA B 65 22.17 -10.90 2.20
C ALA B 65 22.86 -10.08 3.29
N GLU B 66 23.63 -9.06 2.90
CA GLU B 66 24.26 -8.20 3.89
C GLU B 66 23.24 -7.40 4.68
N ALA B 67 22.24 -6.84 4.00
CA ALA B 67 21.19 -6.11 4.70
C ALA B 67 20.34 -7.04 5.56
N ARG B 68 20.09 -8.25 5.07
CA ARG B 68 19.36 -9.22 5.88
C ARG B 68 20.10 -9.54 7.16
N GLY B 69 21.42 -9.76 7.06
CA GLY B 69 22.22 -10.08 8.24
C GLY B 69 22.31 -8.95 9.24
N ALA B 70 22.27 -7.70 8.79
CA ALA B 70 22.26 -6.55 9.69
C ALA B 70 20.89 -6.32 10.32
N GLY B 71 19.86 -7.00 9.84
CA GLY B 71 18.50 -6.65 10.20
C GLY B 71 18.16 -6.88 11.66
N SER B 72 18.60 -8.02 12.22
CA SER B 72 18.15 -8.34 13.58
C SER B 72 18.71 -7.35 14.59
N ALA B 73 20.00 -7.00 14.50
CA ALA B 73 20.55 -6.04 15.45
C ALA B 73 19.95 -4.64 15.26
N TRP B 74 19.73 -4.22 14.01
CA TRP B 74 19.16 -2.90 13.78
C TRP B 74 17.72 -2.83 14.30
N ALA B 75 16.91 -3.85 14.00
CA ALA B 75 15.52 -3.84 14.47
C ALA B 75 15.42 -3.96 15.99
N ALA B 76 16.42 -4.55 16.64
CA ALA B 76 16.35 -4.75 18.08
C ALA B 76 16.70 -3.51 18.88
N LEU B 77 17.26 -2.47 18.26
CA LEU B 77 17.48 -1.19 18.95
C LEU B 77 16.18 -0.62 19.45
N THR B 78 16.22 0.00 20.63
CA THR B 78 15.09 0.78 21.09
C THR B 78 14.93 2.01 20.22
N PRO B 79 13.74 2.60 20.17
CA PRO B 79 13.57 3.87 19.45
C PRO B 79 14.58 4.94 19.85
N ARG B 80 14.89 5.03 21.14
CA ARG B 80 15.87 6.02 21.60
C ARG B 80 17.22 5.82 20.91
N LEU B 81 17.70 4.57 20.88
CA LEU B 81 19.00 4.30 20.28
C LEU B 81 18.95 4.42 18.76
N ARG B 82 17.84 4.02 18.13
N ARG B 82 17.85 3.99 18.14
CA ARG B 82 17.75 4.12 16.69
CA ARG B 82 17.71 4.11 16.69
C ARG B 82 17.62 5.57 16.23
C ARG B 82 17.66 5.57 16.27
N ALA B 83 16.88 6.39 16.99
CA ALA B 83 16.83 7.81 16.70
C ALA B 83 18.20 8.47 16.83
N ARG B 84 18.96 8.10 17.87
CA ARG B 84 20.28 8.71 18.04
C ARG B 84 21.19 8.38 16.86
N CYS B 85 21.15 7.13 16.38
CA CYS B 85 21.93 6.76 15.20
C CYS B 85 21.56 7.60 13.99
N LEU B 86 20.26 7.79 13.75
CA LEU B 86 19.83 8.59 12.60
C LEU B 86 20.21 10.05 12.75
N LEU B 87 20.20 10.58 13.99
CA LEU B 87 20.65 11.95 14.21
C LEU B 87 22.15 12.10 13.91
N ARG B 88 22.95 11.12 14.28
CA ARG B 88 24.38 11.17 13.96
C ARG B 88 24.62 11.02 12.47
N PHE B 89 23.84 10.14 11.81
CA PHE B 89 23.87 10.00 10.36
C PHE B 89 23.64 11.35 9.69
N ALA B 90 22.59 12.07 10.10
CA ALA B 90 22.29 13.37 9.51
C ALA B 90 23.42 14.37 9.75
N ASP B 91 23.98 14.37 10.97
CA ASP B 91 25.06 15.30 11.28
C ASP B 91 26.33 14.95 10.51
N LEU B 92 26.56 13.65 10.26
CA LEU B 92 27.72 13.26 9.46
C LEU B 92 27.58 13.73 8.01
N ILE B 93 26.39 13.56 7.43
CA ILE B 93 26.14 14.10 6.09
C ILE B 93 26.41 15.61 6.08
N GLU B 94 25.89 16.31 7.09
CA GLU B 94 26.08 17.75 7.17
C GLU B 94 27.56 18.12 7.30
N GLU B 95 28.27 17.42 8.18
CA GLU B 95 29.71 17.63 8.33
C GLU B 95 30.44 17.45 6.99
N ARG B 96 29.99 16.53 6.16
CA ARG B 96 30.62 16.27 4.87
C ARG B 96 29.84 16.90 3.70
N SER B 97 29.11 17.97 3.96
CA SER B 97 28.14 18.47 2.98
C SER B 97 28.80 18.93 1.69
N ALA B 98 29.99 19.54 1.78
CA ALA B 98 30.66 20.00 0.57
C ALA B 98 31.00 18.82 -0.34
N GLN B 99 31.38 17.69 0.25
CA GLN B 99 31.65 16.48 -0.53
C GLN B 99 30.37 15.94 -1.17
N TYR B 100 29.25 15.95 -0.43
CA TYR B 100 27.97 15.55 -1.02
C TYR B 100 27.56 16.46 -2.15
N VAL B 101 27.77 17.77 -2.00
CA VAL B 101 27.37 18.72 -3.03
C VAL B 101 28.12 18.44 -4.33
N VAL B 102 29.45 18.30 -4.24
CA VAL B 102 30.24 17.99 -5.44
C VAL B 102 29.77 16.68 -6.06
N ALA B 103 29.58 15.64 -5.23
CA ALA B 103 29.15 14.34 -5.74
C ALA B 103 27.81 14.45 -6.47
N GLU B 104 26.86 15.17 -5.87
CA GLU B 104 25.53 15.31 -6.46
C GLU B 104 25.60 16.08 -7.78
N ARG B 105 26.41 17.14 -7.83
CA ARG B 105 26.50 17.92 -9.06
C ARG B 105 27.21 17.17 -10.17
N SER B 106 28.17 16.29 -9.83
CA SER B 106 28.98 15.65 -10.87
C SER B 106 28.11 14.93 -11.89
N GLY B 107 27.08 14.23 -11.45
CA GLY B 107 26.22 13.48 -12.37
C GLY B 107 24.92 14.15 -12.80
N THR B 108 24.59 15.29 -12.20
CA THR B 108 23.34 15.98 -12.49
C THR B 108 23.53 17.32 -13.19
N GLY B 109 24.66 17.99 -12.98
CA GLY B 109 24.81 19.35 -13.44
C GLY B 109 24.07 20.39 -12.61
N LYS B 110 23.55 20.02 -11.43
CA LYS B 110 22.82 20.97 -10.59
C LYS B 110 23.68 22.18 -10.25
N PRO B 111 23.11 23.38 -10.22
CA PRO B 111 23.83 24.54 -9.67
C PRO B 111 24.23 24.31 -8.22
N ALA B 112 25.33 24.96 -7.83
CA ALA B 112 25.84 24.84 -6.47
C ALA B 112 24.75 25.10 -5.42
N ALA B 113 24.00 26.20 -5.58
CA ALA B 113 22.99 26.55 -4.58
C ALA B 113 21.87 25.52 -4.50
N GLU B 114 21.48 24.92 -5.63
CA GLU B 114 20.43 23.91 -5.55
C GLU B 114 20.93 22.64 -4.87
N ALA B 115 22.15 22.20 -5.20
CA ALA B 115 22.69 21.02 -4.55
C ALA B 115 22.90 21.24 -3.07
N ALA B 116 23.39 22.43 -2.69
CA ALA B 116 23.61 22.72 -1.27
C ALA B 116 22.30 22.70 -0.50
N GLY B 117 21.23 23.21 -1.10
CA GLY B 117 19.93 23.17 -0.44
C GLY B 117 19.42 21.76 -0.28
N GLU B 118 19.70 20.90 -1.26
CA GLU B 118 19.20 19.53 -1.19
C GLU B 118 19.96 18.69 -0.18
N VAL B 119 21.26 18.96 0.00
CA VAL B 119 22.00 18.31 1.07
C VAL B 119 21.43 18.73 2.43
N GLU B 120 21.09 20.01 2.58
CA GLU B 120 20.45 20.45 3.83
C GLU B 120 19.12 19.77 4.03
N SER B 121 18.32 19.66 2.97
CA SER B 121 17.01 19.02 3.08
C SER B 121 17.12 17.53 3.36
N CYS B 122 18.15 16.88 2.82
CA CYS B 122 18.40 15.47 3.12
C CYS B 122 18.61 15.26 4.62
N ALA B 123 19.56 15.99 5.20
CA ALA B 123 19.84 15.86 6.62
C ALA B 123 18.62 16.21 7.46
N ASP B 124 17.85 17.23 7.06
CA ASP B 124 16.68 17.60 7.83
C ASP B 124 15.63 16.49 7.83
N LEU B 125 15.46 15.83 6.69
CA LEU B 125 14.47 14.75 6.60
C LEU B 125 14.84 13.59 7.50
N LEU B 126 16.12 13.25 7.54
CA LEU B 126 16.58 12.20 8.46
C LEU B 126 16.32 12.58 9.90
N ARG B 127 16.62 13.83 10.27
CA ARG B 127 16.30 14.30 11.62
C ARG B 127 14.81 14.23 11.89
N PHE B 128 13.99 14.60 10.91
CA PHE B 128 12.54 14.53 11.09
C PHE B 128 12.11 13.11 11.45
N TYR B 129 12.58 12.11 10.69
CA TYR B 129 12.16 10.74 10.96
C TYR B 129 12.80 10.18 12.22
N ALA B 130 14.04 10.58 12.53
CA ALA B 130 14.61 10.24 13.83
C ALA B 130 13.68 10.64 14.97
N GLY B 131 13.13 11.85 14.90
CA GLY B 131 12.21 12.28 15.93
C GLY B 131 10.82 11.67 15.80
N ALA B 132 10.35 11.46 14.57
CA ALA B 132 9.01 10.92 14.37
C ALA B 132 8.90 9.47 14.83
N LEU B 133 9.96 8.68 14.69
CA LEU B 133 9.90 7.28 15.07
C LEU B 133 9.67 7.07 16.57
N ARG B 134 9.98 8.05 17.42
CA ARG B 134 9.67 7.93 18.84
C ARG B 134 8.30 8.47 19.21
N ALA B 135 7.66 9.23 18.33
CA ALA B 135 6.45 9.95 18.63
C ALA B 135 5.20 9.29 18.04
N GLY B 136 5.30 8.03 17.65
CA GLY B 136 4.19 7.40 16.97
C GLY B 136 3.09 6.94 17.92
N THR B 137 1.91 6.74 17.36
CA THR B 137 0.75 6.26 18.09
C THR B 137 0.22 4.98 17.45
N ALA B 138 -0.67 4.32 18.18
CA ALA B 138 -1.35 3.13 17.72
C ALA B 138 -2.76 3.14 18.29
N PRO B 139 -3.67 2.32 17.76
CA PRO B 139 -4.99 2.19 18.38
C PRO B 139 -4.85 1.92 19.88
N ALA B 140 -5.69 2.61 20.68
CA ALA B 140 -5.54 2.61 22.13
C ALA B 140 -5.65 1.21 22.70
N ALA B 141 -4.80 0.92 23.69
CA ALA B 141 -4.74 -0.37 24.33
C ALA B 141 -5.81 -0.48 25.42
N GLY B 142 -6.07 -1.71 25.84
CA GLY B 142 -6.91 -1.90 27.01
C GLY B 142 -7.89 -3.04 26.92
N ARG B 143 -9.10 -2.81 27.42
CA ARG B 143 -10.13 -3.85 27.49
C ARG B 143 -11.08 -3.64 26.31
N LEU B 144 -10.67 -4.14 25.15
CA LEU B 144 -11.50 -4.03 23.95
C LEU B 144 -12.48 -5.18 23.84
N LEU B 145 -12.06 -6.37 24.24
CA LEU B 145 -12.87 -7.57 24.37
C LEU B 145 -13.06 -7.91 25.84
N PRO B 146 -14.21 -8.45 26.21
CA PRO B 146 -14.44 -8.82 27.62
C PRO B 146 -13.36 -9.80 28.10
N GLY B 147 -12.75 -9.48 29.23
CA GLY B 147 -11.78 -10.38 29.81
C GLY B 147 -10.48 -10.54 29.05
N ARG B 148 -10.12 -9.56 28.20
CA ARG B 148 -8.87 -9.59 27.45
C ARG B 148 -8.16 -8.24 27.56
N GLU B 149 -6.85 -8.28 27.75
CA GLU B 149 -6.02 -7.10 27.60
C GLU B 149 -5.34 -7.12 26.24
N SER B 150 -5.52 -6.04 25.47
CA SER B 150 -4.99 -5.94 24.12
C SER B 150 -4.17 -4.67 23.95
N TRP B 151 -3.14 -4.76 23.11
CA TRP B 151 -2.44 -3.58 22.66
C TRP B 151 -1.97 -3.81 21.22
N VAL B 152 -1.44 -2.75 20.62
CA VAL B 152 -1.01 -2.76 19.22
C VAL B 152 0.40 -2.20 19.15
N ARG B 153 1.32 -2.96 18.57
CA ARG B 153 2.69 -2.52 18.38
C ARG B 153 2.98 -2.48 16.88
N TRP B 154 3.98 -1.67 16.50
CA TRP B 154 4.39 -1.53 15.11
C TRP B 154 5.69 -2.28 14.92
N GLU B 155 5.85 -2.93 13.74
CA GLU B 155 7.01 -3.79 13.49
C GLU B 155 7.49 -3.62 12.06
N PRO B 156 8.81 -3.65 11.82
CA PRO B 156 9.34 -3.42 10.48
C PRO B 156 9.05 -4.58 9.54
N LEU B 157 9.15 -4.30 8.24
CA LEU B 157 8.99 -5.34 7.22
C LEU B 157 10.20 -6.25 7.08
N GLY B 158 11.41 -5.70 7.26
CA GLY B 158 12.60 -6.49 7.05
C GLY B 158 13.57 -5.73 6.17
N VAL B 159 13.87 -6.25 4.99
CA VAL B 159 14.75 -5.57 4.04
C VAL B 159 13.90 -4.87 2.99
N VAL B 160 14.16 -3.57 2.79
CA VAL B 160 13.46 -2.74 1.81
C VAL B 160 14.42 -2.40 0.68
N ALA B 161 13.99 -2.67 -0.56
CA ALA B 161 14.71 -2.20 -1.74
C ALA B 161 14.20 -0.81 -2.11
N ALA B 162 15.13 0.14 -2.25
CA ALA B 162 14.81 1.51 -2.65
C ALA B 162 15.49 1.79 -3.97
N ILE B 163 14.70 2.08 -4.99
CA ILE B 163 15.18 2.28 -6.34
C ILE B 163 14.76 3.68 -6.75
N VAL B 164 15.73 4.51 -7.13
CA VAL B 164 15.51 5.95 -7.20
C VAL B 164 16.09 6.48 -8.49
N PRO B 165 15.58 7.62 -8.98
CA PRO B 165 16.00 8.15 -10.28
C PRO B 165 17.14 9.16 -10.19
N TRP B 166 17.55 9.71 -11.34
CA TRP B 166 18.68 10.63 -11.39
C TRP B 166 18.31 12.09 -11.15
N ASN B 167 17.02 12.45 -11.07
CA ASN B 167 16.72 13.88 -11.04
C ASN B 167 17.01 14.50 -9.68
N TYR B 168 16.72 13.78 -8.59
CA TYR B 168 17.09 14.18 -7.24
C TYR B 168 17.74 12.98 -6.56
N PRO B 169 18.98 12.63 -6.95
CA PRO B 169 19.58 11.40 -6.40
C PRO B 169 19.58 11.38 -4.89
N LEU B 170 20.04 12.46 -4.26
CA LEU B 170 20.17 12.46 -2.80
C LEU B 170 18.80 12.58 -2.12
N MET B 171 17.97 13.53 -2.57
CA MET B 171 16.67 13.71 -1.91
C MET B 171 15.74 12.52 -2.13
N MET B 172 15.75 11.93 -3.33
CA MET B 172 14.88 10.77 -3.53
C MET B 172 15.37 9.58 -2.71
N ALA B 173 16.68 9.44 -2.54
CA ALA B 173 17.22 8.45 -1.62
C ALA B 173 16.72 8.71 -0.20
N ALA B 174 16.79 9.97 0.24
CA ALA B 174 16.39 10.29 1.60
C ALA B 174 14.91 10.03 1.83
N TRP B 175 14.04 10.39 0.87
CA TRP B 175 12.60 10.17 0.99
C TRP B 175 12.27 8.72 1.26
N ARG B 176 13.04 7.79 0.69
CA ARG B 176 12.76 6.37 0.86
C ARG B 176 13.45 5.79 2.09
N ILE B 177 14.74 6.07 2.24
CA ILE B 177 15.50 5.40 3.29
C ILE B 177 15.20 6.00 4.65
N GLY B 178 14.86 7.29 4.70
CA GLY B 178 14.54 7.95 5.93
C GLY B 178 13.47 7.20 6.73
N PRO B 179 12.25 7.11 6.20
CA PRO B 179 11.20 6.39 6.93
C PRO B 179 11.46 4.89 7.01
N ALA B 180 12.06 4.30 5.97
CA ALA B 180 12.30 2.86 6.01
C ALA B 180 13.24 2.49 7.14
N LEU B 181 14.39 3.18 7.23
CA LEU B 181 15.35 2.94 8.31
C LEU B 181 14.75 3.26 9.67
N ALA B 182 13.99 4.35 9.75
CA ALA B 182 13.42 4.76 11.03
C ALA B 182 12.40 3.74 11.52
N ALA B 183 11.71 3.06 10.61
CA ALA B 183 10.77 2.03 11.02
C ALA B 183 11.48 0.74 11.42
N GLY B 184 12.82 0.69 11.36
CA GLY B 184 13.55 -0.49 11.77
C GLY B 184 13.87 -1.48 10.67
N ASN B 185 13.70 -1.11 9.40
CA ASN B 185 14.11 -1.91 8.26
C ASN B 185 15.57 -1.64 7.91
N THR B 186 16.22 -2.63 7.28
CA THR B 186 17.44 -2.35 6.55
C THR B 186 17.10 -2.16 5.08
N VAL B 187 18.04 -1.59 4.32
CA VAL B 187 17.75 -1.02 3.01
C VAL B 187 18.84 -1.37 2.02
N VAL B 188 18.44 -1.82 0.83
CA VAL B 188 19.34 -1.90 -0.32
C VAL B 188 18.93 -0.79 -1.28
N LEU B 189 19.85 0.12 -1.56
CA LEU B 189 19.58 1.32 -2.33
C LEU B 189 20.19 1.18 -3.72
N LYS B 190 19.38 1.35 -4.75
CA LYS B 190 19.82 1.21 -6.14
C LYS B 190 19.66 2.56 -6.83
N PRO B 191 20.73 3.32 -6.97
CA PRO B 191 20.63 4.63 -7.64
C PRO B 191 20.63 4.48 -9.15
N ALA B 192 20.20 5.56 -9.83
CA ALA B 192 20.17 5.57 -11.29
C ALA B 192 21.57 5.43 -11.86
N LEU B 193 21.66 4.90 -13.09
CA LEU B 193 22.95 4.65 -13.71
C LEU B 193 23.83 5.90 -13.71
N THR B 194 23.27 7.06 -14.07
CA THR B 194 24.11 8.24 -14.21
C THR B 194 24.44 8.96 -12.90
N THR B 195 23.83 8.56 -11.77
CA THR B 195 23.98 9.30 -10.51
C THR B 195 24.17 8.34 -9.33
N PRO B 196 25.22 7.53 -9.32
CA PRO B 196 25.43 6.66 -8.16
C PRO B 196 26.10 7.36 -6.98
N ASP B 197 26.57 8.60 -7.15
CA ASP B 197 27.65 9.13 -6.31
C ASP B 197 27.21 9.36 -4.87
N THR B 198 26.12 10.09 -4.66
CA THR B 198 25.74 10.35 -3.25
C THR B 198 25.19 9.09 -2.58
N ALA B 199 24.58 8.18 -3.34
CA ALA B 199 24.13 6.92 -2.74
C ALA B 199 25.31 6.11 -2.20
N LEU B 200 26.45 6.17 -2.88
CA LEU B 200 27.63 5.48 -2.37
C LEU B 200 28.16 6.16 -1.11
N LEU B 201 28.14 7.49 -1.06
CA LEU B 201 28.55 8.20 0.14
C LEU B 201 27.60 7.90 1.31
N LEU B 202 26.29 7.82 1.02
CA LEU B 202 25.33 7.50 2.07
C LEU B 202 25.64 6.16 2.71
N ALA B 203 25.94 5.14 1.88
CA ALA B 203 26.28 3.82 2.42
C ALA B 203 27.52 3.87 3.29
N ARG B 204 28.52 4.64 2.86
CA ARG B 204 29.73 4.82 3.66
C ARG B 204 29.41 5.43 5.01
N ASP B 205 28.60 6.49 5.02
CA ASP B 205 28.36 7.21 6.26
C ASP B 205 27.34 6.50 7.14
N ALA B 206 26.42 5.74 6.55
CA ALA B 206 25.53 4.89 7.35
C ALA B 206 26.32 3.81 8.08
N ALA B 207 27.34 3.25 7.44
CA ALA B 207 28.13 2.21 8.10
C ALA B 207 28.78 2.75 9.36
N GLU B 208 29.17 4.02 9.35
CA GLU B 208 29.80 4.63 10.52
C GLU B 208 28.80 4.94 11.63
N THR B 209 27.56 5.26 11.29
CA THR B 209 26.59 5.75 12.27
C THR B 209 25.47 4.78 12.56
N LEU B 210 25.02 4.01 11.57
CA LEU B 210 23.97 3.03 11.81
C LEU B 210 24.51 1.64 12.05
N GLY B 211 25.70 1.34 11.51
CA GLY B 211 26.27 0.01 11.60
C GLY B 211 26.43 -0.60 10.23
N PRO B 212 27.41 -1.50 10.08
CA PRO B 212 27.65 -2.16 8.79
C PRO B 212 26.44 -2.93 8.29
N GLY B 213 26.14 -2.75 7.00
CA GLY B 213 25.09 -3.51 6.34
C GLY B 213 23.68 -2.99 6.54
N VAL B 214 23.48 -1.98 7.39
CA VAL B 214 22.13 -1.45 7.61
C VAL B 214 21.61 -0.77 6.34
N LEU B 215 22.46 -0.01 5.66
CA LEU B 215 22.16 0.59 4.35
C LEU B 215 23.25 0.16 3.37
N VAL B 216 22.86 -0.52 2.29
CA VAL B 216 23.81 -1.01 1.30
C VAL B 216 23.43 -0.42 -0.06
N THR B 217 24.42 0.05 -0.81
CA THR B 217 24.18 0.67 -2.10
C THR B 217 24.74 -0.19 -3.23
N VAL B 218 23.92 -0.45 -4.25
N VAL B 218 23.98 -0.27 -4.32
CA VAL B 218 24.34 -1.21 -5.43
CA VAL B 218 24.23 -1.18 -5.42
C VAL B 218 24.15 -0.35 -6.66
C VAL B 218 24.14 -0.40 -6.72
N PRO B 219 25.23 0.19 -7.22
CA PRO B 219 25.15 0.96 -8.46
C PRO B 219 24.86 0.06 -9.65
N GLY B 220 24.10 0.58 -10.60
CA GLY B 220 23.83 -0.17 -11.81
C GLY B 220 22.77 0.51 -12.65
N ASP B 221 22.42 -0.21 -13.71
N ASP B 221 22.45 -0.13 -13.78
CA ASP B 221 21.49 0.22 -14.74
CA ASP B 221 21.43 0.43 -14.67
C ASP B 221 20.07 -0.22 -14.37
C ASP B 221 20.10 -0.26 -14.38
N ARG B 222 19.17 -0.25 -15.35
CA ARG B 222 17.82 -0.75 -15.10
C ARG B 222 17.83 -2.23 -14.75
N ASP B 223 18.75 -2.99 -15.35
CA ASP B 223 18.83 -4.42 -15.10
C ASP B 223 19.19 -4.71 -13.64
N THR B 224 20.07 -3.91 -13.06
CA THR B 224 20.36 -4.03 -11.64
C THR B 224 19.09 -3.83 -10.81
N GLY B 225 18.28 -2.83 -11.17
CA GLY B 225 17.01 -2.64 -10.47
C GLY B 225 16.08 -3.83 -10.60
N ARG B 226 15.97 -4.40 -11.81
CA ARG B 226 15.11 -5.57 -11.99
C ARG B 226 15.59 -6.75 -11.15
N LEU B 227 16.90 -6.97 -11.09
CA LEU B 227 17.43 -8.04 -10.23
C LEU B 227 17.07 -7.79 -8.78
N LEU B 228 17.15 -6.54 -8.33
CA LEU B 228 16.84 -6.25 -6.93
C LEU B 228 15.36 -6.50 -6.62
N VAL B 229 14.47 -6.11 -7.53
CA VAL B 229 13.03 -6.36 -7.33
C VAL B 229 12.74 -7.86 -7.19
N GLU B 230 13.50 -8.73 -7.90
CA GLU B 230 13.28 -10.17 -7.84
C GLU B 230 14.06 -10.83 -6.71
N SER B 231 14.79 -10.06 -5.90
CA SER B 231 15.62 -10.64 -4.86
C SER B 231 14.81 -10.89 -3.59
N ALA B 232 15.49 -11.36 -2.55
CA ALA B 232 14.84 -11.72 -1.29
C ALA B 232 14.63 -10.51 -0.38
N VAL B 233 14.06 -9.45 -0.92
CA VAL B 233 13.65 -8.28 -0.15
C VAL B 233 12.15 -8.39 0.13
N ASP B 234 11.72 -7.72 1.21
CA ASP B 234 10.34 -7.78 1.66
C ASP B 234 9.46 -6.71 1.04
N ALA B 235 10.05 -5.63 0.56
CA ALA B 235 9.30 -4.51 0.02
C ALA B 235 10.17 -3.79 -0.99
N VAL B 236 9.50 -3.09 -1.90
CA VAL B 236 10.15 -2.29 -2.92
C VAL B 236 9.57 -0.89 -2.86
N ALA B 237 10.43 0.11 -2.72
CA ALA B 237 10.04 1.51 -2.77
C ALA B 237 10.64 2.10 -4.04
N PHE B 238 9.79 2.42 -5.01
CA PHE B 238 10.23 2.81 -6.33
C PHE B 238 9.83 4.25 -6.62
N THR B 239 10.75 5.02 -7.20
CA THR B 239 10.48 6.34 -7.73
C THR B 239 11.07 6.42 -9.13
N GLY B 240 10.23 6.72 -10.12
CA GLY B 240 10.71 6.72 -11.50
C GLY B 240 9.59 6.79 -12.51
N SER B 241 9.88 6.28 -13.71
CA SER B 241 8.97 6.42 -14.84
C SER B 241 7.76 5.50 -14.68
N GLU B 242 6.67 5.90 -15.34
CA GLU B 242 5.46 5.07 -15.35
C GLU B 242 5.74 3.70 -15.97
N ALA B 243 6.53 3.66 -17.04
CA ALA B 243 6.75 2.39 -17.72
C ALA B 243 7.51 1.43 -16.80
N ALA B 244 8.50 1.95 -16.08
CA ALA B 244 9.21 1.11 -15.11
C ALA B 244 8.28 0.70 -13.98
N GLY B 245 7.46 1.64 -13.49
CA GLY B 245 6.48 1.31 -12.47
C GLY B 245 5.60 0.15 -12.86
N ARG B 246 5.05 0.19 -14.09
CA ARG B 246 4.18 -0.89 -14.55
C ARG B 246 4.93 -2.21 -14.64
N ASP B 247 6.20 -2.17 -15.07
CA ASP B 247 6.98 -3.41 -15.10
C ASP B 247 7.21 -3.95 -13.69
N ILE B 248 7.47 -3.07 -12.73
CA ILE B 248 7.80 -3.50 -11.38
C ILE B 248 6.60 -4.16 -10.71
N VAL B 249 5.40 -3.61 -10.95
CA VAL B 249 4.19 -4.18 -10.35
C VAL B 249 4.09 -5.67 -10.64
N GLY B 250 4.27 -6.05 -11.90
CA GLY B 250 4.22 -7.46 -12.25
C GLY B 250 5.29 -8.28 -11.56
N ARG B 251 6.55 -7.84 -11.68
CA ARG B 251 7.63 -8.70 -11.23
C ARG B 251 7.90 -8.60 -9.72
N ALA B 252 7.30 -7.64 -9.00
CA ALA B 252 7.49 -7.60 -7.55
C ALA B 252 6.70 -8.69 -6.81
N GLY B 253 5.78 -9.37 -7.48
CA GLY B 253 5.05 -10.46 -6.83
C GLY B 253 4.25 -9.94 -5.65
N LEU B 254 4.37 -10.61 -4.51
CA LEU B 254 3.63 -10.24 -3.31
C LEU B 254 4.43 -9.35 -2.36
N ARG B 255 5.60 -8.86 -2.79
CA ARG B 255 6.34 -7.91 -1.99
C ARG B 255 5.54 -6.63 -1.85
N ARG B 256 5.64 -5.98 -0.69
CA ARG B 256 4.97 -4.70 -0.54
C ARG B 256 5.61 -3.68 -1.47
N LEU B 257 4.79 -2.87 -2.11
CA LEU B 257 5.24 -2.01 -3.19
C LEU B 257 4.72 -0.60 -2.96
N SER B 258 5.61 0.38 -3.07
CA SER B 258 5.27 1.79 -2.99
C SER B 258 5.80 2.49 -4.24
N LEU B 259 4.91 3.12 -5.01
CA LEU B 259 5.28 3.71 -6.29
C LEU B 259 5.09 5.22 -6.24
N GLU B 260 6.09 5.94 -6.76
CA GLU B 260 5.98 7.38 -6.99
C GLU B 260 6.36 7.59 -8.45
N LEU B 261 5.38 7.91 -9.29
CA LEU B 261 5.61 7.95 -10.71
C LEU B 261 5.48 9.40 -11.21
N GLY B 262 5.25 9.57 -12.50
CA GLY B 262 5.33 10.90 -13.08
C GLY B 262 4.19 11.81 -12.64
N GLY B 263 4.43 13.10 -12.78
CA GLY B 263 3.39 14.09 -12.62
C GLY B 263 3.24 14.88 -13.91
N ASN B 264 2.12 15.55 -14.09
CA ASN B 264 1.89 16.39 -15.26
C ASN B 264 1.11 17.58 -14.72
N CYS B 265 1.81 18.44 -13.95
CA CYS B 265 1.11 19.23 -12.94
C CYS B 265 0.54 20.52 -13.53
N PRO B 266 -0.73 20.82 -13.24
CA PRO B 266 -1.34 22.07 -13.71
C PRO B 266 -1.07 23.22 -12.76
N ALA B 267 -1.05 24.42 -13.33
CA ALA B 267 -1.06 25.67 -12.57
C ALA B 267 -2.23 26.49 -13.07
N VAL B 268 -3.25 26.65 -12.24
CA VAL B 268 -4.46 27.39 -12.61
C VAL B 268 -4.27 28.84 -12.19
N VAL B 269 -4.25 29.74 -13.18
CA VAL B 269 -3.95 31.15 -12.97
C VAL B 269 -5.23 31.95 -13.25
N LEU B 270 -5.80 32.52 -12.19
CA LEU B 270 -6.99 33.36 -12.32
C LEU B 270 -6.60 34.80 -12.61
N PRO B 271 -7.52 35.60 -13.16
CA PRO B 271 -7.15 36.96 -13.59
C PRO B 271 -6.65 37.86 -12.47
N ASP B 272 -7.04 37.63 -11.22
CA ASP B 272 -6.50 38.43 -10.12
C ASP B 272 -5.29 37.78 -9.44
N ALA B 273 -4.57 36.90 -10.15
CA ALA B 273 -3.35 36.32 -9.60
C ALA B 273 -2.35 37.42 -9.20
N PRO B 274 -1.49 37.18 -8.22
CA PRO B 274 -0.57 38.23 -7.73
C PRO B 274 0.43 38.65 -8.79
N PRO B 275 1.07 39.81 -8.62
CA PRO B 275 2.02 40.30 -9.65
C PRO B 275 3.19 39.38 -9.94
N ASP B 276 3.69 38.63 -8.96
CA ASP B 276 4.87 37.82 -9.18
C ASP B 276 4.56 36.43 -9.72
N THR B 277 3.31 36.18 -10.14
CA THR B 277 2.89 34.86 -10.58
C THR B 277 3.82 34.30 -11.66
N TYR B 278 4.12 35.08 -12.69
CA TYR B 278 4.89 34.55 -13.81
C TYR B 278 6.33 34.28 -13.42
N GLU B 279 6.95 35.20 -12.66
CA GLU B 279 8.29 34.98 -12.17
C GLU B 279 8.36 33.73 -11.29
N ALA B 280 7.39 33.58 -10.40
CA ALA B 280 7.37 32.44 -9.48
C ALA B 280 7.21 31.13 -10.25
N LEU B 281 6.29 31.10 -11.22
CA LEU B 281 6.08 29.88 -11.99
C LEU B 281 7.32 29.51 -12.80
N VAL B 282 7.96 30.50 -13.42
CA VAL B 282 9.18 30.25 -14.17
C VAL B 282 10.33 29.84 -13.26
N ARG B 283 10.38 30.38 -12.04
CA ARG B 283 11.39 29.93 -11.08
C ARG B 283 11.20 28.44 -10.76
N ALA B 284 9.96 28.01 -10.55
CA ALA B 284 9.70 26.60 -10.24
C ALA B 284 9.94 25.71 -11.44
N ALA B 285 9.64 26.20 -12.66
CA ALA B 285 9.80 25.40 -13.86
C ALA B 285 11.26 25.24 -14.27
N THR B 286 12.14 26.14 -13.84
CA THR B 286 13.55 26.04 -14.18
C THR B 286 14.40 25.49 -13.04
N TYR B 287 13.81 25.32 -11.85
CA TYR B 287 14.51 24.60 -10.78
C TYR B 287 14.86 23.20 -11.27
N ASN B 288 16.11 22.78 -11.02
CA ASN B 288 16.62 21.48 -11.49
C ASN B 288 16.37 21.29 -13.00
N ALA B 289 16.48 22.38 -13.74
CA ALA B 289 16.27 22.37 -15.19
C ALA B 289 14.91 21.76 -15.56
N GLY B 290 13.90 21.99 -14.71
CA GLY B 290 12.58 21.48 -14.98
C GLY B 290 12.43 19.99 -14.83
N GLN B 291 13.41 19.32 -14.25
CA GLN B 291 13.39 17.87 -14.12
C GLN B 291 12.84 17.46 -12.74
N SER B 292 11.58 17.82 -12.51
CA SER B 292 10.90 17.53 -11.25
C SER B 292 9.52 16.96 -11.53
N CYS B 293 9.13 15.95 -10.74
CA CYS B 293 7.81 15.36 -10.87
C CYS B 293 6.71 16.39 -10.64
N ALA B 294 6.97 17.36 -9.76
CA ALA B 294 5.95 18.31 -9.32
C ALA B 294 6.14 19.70 -9.90
N SER B 295 7.01 19.85 -10.89
CA SER B 295 7.18 21.16 -11.49
C SER B 295 5.88 21.58 -12.18
N PRO B 296 5.62 22.89 -12.31
CA PRO B 296 4.46 23.32 -13.09
C PRO B 296 4.73 23.04 -14.56
N SER B 297 3.73 22.46 -15.23
CA SER B 297 3.84 22.21 -16.66
C SER B 297 2.70 22.82 -17.44
N ARG B 298 1.46 22.57 -17.02
CA ARG B 298 0.26 22.96 -17.76
C ARG B 298 -0.34 24.19 -17.11
N VAL B 299 0.04 25.37 -17.61
CA VAL B 299 -0.59 26.60 -17.15
C VAL B 299 -1.97 26.72 -17.78
N ILE B 300 -2.98 26.99 -16.95
CA ILE B 300 -4.36 27.08 -17.38
C ILE B 300 -4.91 28.40 -16.86
N THR B 301 -5.28 29.29 -17.78
CA THR B 301 -5.82 30.60 -17.46
C THR B 301 -7.31 30.64 -17.84
N LEU B 302 -7.94 31.77 -17.54
CA LEU B 302 -9.22 32.07 -18.17
C LEU B 302 -8.96 32.83 -19.48
N ARG B 303 -10.03 33.14 -20.21
N ARG B 303 -10.03 33.13 -20.22
CA ARG B 303 -9.84 33.84 -21.49
CA ARG B 303 -9.87 33.85 -21.49
C ARG B 303 -9.35 35.26 -21.28
C ARG B 303 -9.32 35.25 -21.26
N GLU B 304 -9.73 35.91 -20.17
CA GLU B 304 -9.37 37.31 -19.96
C GLU B 304 -7.88 37.51 -19.72
N ASN B 305 -7.19 36.54 -19.11
CA ASN B 305 -5.77 36.72 -18.79
C ASN B 305 -4.85 35.81 -19.59
N TYR B 306 -5.35 35.19 -20.66
CA TYR B 306 -4.55 34.27 -21.44
C TYR B 306 -3.33 34.95 -22.07
N GLN B 307 -3.55 36.05 -22.81
CA GLN B 307 -2.42 36.68 -23.49
C GLN B 307 -1.46 37.33 -22.50
N GLN B 308 -1.99 37.91 -21.41
CA GLN B 308 -1.13 38.41 -20.35
C GLN B 308 -0.20 37.32 -19.83
N ALA B 309 -0.73 36.11 -19.67
CA ALA B 309 0.04 35.01 -19.12
C ALA B 309 1.10 34.54 -20.11
N VAL B 310 0.75 34.42 -21.38
CA VAL B 310 1.73 34.00 -22.39
C VAL B 310 2.90 34.97 -22.44
N GLU B 311 2.62 36.27 -22.53
CA GLU B 311 3.68 37.27 -22.59
C GLU B 311 4.43 37.37 -21.27
N GLY B 312 3.71 37.31 -20.15
CA GLY B 312 4.38 37.40 -18.86
C GLY B 312 5.30 36.23 -18.61
N LEU B 313 4.86 35.03 -18.98
CA LEU B 313 5.72 33.85 -18.82
C LEU B 313 6.89 33.90 -19.79
N ALA B 314 6.65 34.38 -21.01
CA ALA B 314 7.73 34.46 -22.00
C ALA B 314 8.80 35.45 -21.55
N LYS B 315 8.39 36.58 -20.96
CA LYS B 315 9.35 37.56 -20.48
C LYS B 315 10.13 37.02 -19.29
N ALA B 316 9.46 36.35 -18.36
CA ALA B 316 10.15 35.79 -17.21
C ALA B 316 11.13 34.70 -17.64
N MET B 317 10.69 33.80 -18.52
CA MET B 317 11.55 32.70 -18.97
C MET B 317 12.75 33.20 -19.74
N HIS B 318 12.57 34.27 -20.51
CA HIS B 318 13.67 34.78 -21.33
C HIS B 318 14.84 35.23 -20.48
N ALA B 319 14.58 35.70 -19.25
CA ALA B 319 15.65 36.05 -18.33
C ALA B 319 16.40 34.83 -17.80
N ARG B 320 15.91 33.62 -18.04
CA ARG B 320 16.53 32.40 -17.52
C ARG B 320 17.29 31.71 -18.64
N ARG B 321 18.63 31.75 -18.58
CA ARG B 321 19.47 31.25 -19.66
C ARG B 321 20.11 29.93 -19.26
N ALA B 322 19.77 28.88 -20.01
CA ALA B 322 20.39 27.56 -19.79
C ALA B 322 21.91 27.70 -19.85
N GLY B 323 22.58 27.16 -18.83
CA GLY B 323 24.01 27.27 -18.71
C GLY B 323 24.48 28.36 -17.79
N VAL B 324 23.61 29.31 -17.50
CA VAL B 324 23.88 30.40 -16.56
C VAL B 324 22.95 30.32 -15.35
N ASP B 325 21.65 30.25 -15.60
CA ASP B 325 20.65 30.28 -14.55
C ASP B 325 20.12 28.90 -14.18
N PHE B 326 20.32 27.89 -15.04
CA PHE B 326 19.98 26.52 -14.65
C PHE B 326 20.88 25.54 -15.38
N GLY B 327 20.83 24.28 -14.95
CA GLY B 327 21.75 23.28 -15.43
C GLY B 327 21.31 22.59 -16.70
N PRO B 328 22.07 21.59 -17.11
CA PRO B 328 21.70 20.81 -18.30
C PRO B 328 20.63 19.77 -17.99
N LEU B 329 20.08 19.20 -19.04
CA LEU B 329 19.31 17.98 -18.86
C LEU B 329 20.27 16.84 -18.55
N ASN B 330 19.74 15.76 -17.96
CA ASN B 330 20.62 14.78 -17.36
C ASN B 330 21.48 14.03 -18.38
N ASN B 331 20.98 13.79 -19.58
CA ASN B 331 21.69 12.92 -20.50
C ASN B 331 21.17 13.14 -21.91
N ALA B 332 21.78 12.44 -22.87
CA ALA B 332 21.45 12.66 -24.27
C ALA B 332 20.05 12.16 -24.60
N ASP B 333 19.57 11.11 -23.94
CA ASP B 333 18.20 10.64 -24.18
C ASP B 333 17.17 11.69 -23.79
N GLN B 334 17.40 12.38 -22.66
CA GLN B 334 16.48 13.44 -22.23
C GLN B 334 16.48 14.60 -23.22
N ALA B 335 17.65 14.97 -23.74
CA ALA B 335 17.70 16.09 -24.68
C ALA B 335 17.03 15.73 -26.01
N ALA B 336 17.19 14.49 -26.47
CA ALA B 336 16.52 14.09 -27.70
C ALA B 336 15.02 13.98 -27.49
N ARG B 337 14.59 13.55 -26.31
CA ARG B 337 13.18 13.46 -25.99
C ARG B 337 12.54 14.84 -25.98
N TYR B 338 13.20 15.80 -25.32
CA TYR B 338 12.81 17.21 -25.40
C TYR B 338 12.61 17.63 -26.85
N ASP B 339 13.62 17.37 -27.70
CA ASP B 339 13.55 17.76 -29.10
C ASP B 339 12.35 17.13 -29.80
N ARG B 340 12.07 15.86 -29.50
CA ARG B 340 10.98 15.15 -30.14
C ARG B 340 9.63 15.74 -29.76
N ILE B 341 9.40 15.96 -28.46
CA ILE B 341 8.11 16.47 -28.02
C ILE B 341 7.88 17.87 -28.58
N VAL B 342 8.91 18.72 -28.55
CA VAL B 342 8.77 20.06 -29.11
C VAL B 342 8.43 20.01 -30.59
N ALA B 343 9.05 19.08 -31.33
CA ALA B 343 8.79 18.97 -32.76
C ALA B 343 7.36 18.48 -33.04
N ARG B 344 6.87 17.54 -32.23
CA ARG B 344 5.54 16.98 -32.43
C ARG B 344 4.43 17.93 -32.02
N SER B 345 4.73 18.97 -31.24
CA SER B 345 3.69 19.85 -30.72
C SER B 345 3.08 20.71 -31.83
N GLY B 346 1.78 20.97 -31.73
CA GLY B 346 1.11 21.83 -32.69
C GLY B 346 0.98 23.25 -32.22
N ALA B 347 1.77 23.64 -31.22
CA ALA B 347 1.68 24.99 -30.66
C ALA B 347 1.78 26.05 -31.75
N GLY B 348 0.79 26.94 -31.79
CA GLY B 348 0.87 28.09 -32.67
C GLY B 348 1.75 29.20 -32.17
N ILE B 349 2.03 29.23 -30.88
CA ILE B 349 2.92 30.22 -30.27
C ILE B 349 4.08 29.46 -29.61
N GLU B 350 5.29 29.96 -29.82
CA GLU B 350 6.48 29.35 -29.23
C GLU B 350 7.48 30.44 -28.92
N HIS B 351 7.84 30.56 -27.64
CA HIS B 351 8.86 31.51 -27.20
C HIS B 351 10.03 30.72 -26.63
N VAL B 352 11.22 30.89 -27.21
CA VAL B 352 12.41 30.15 -26.82
C VAL B 352 13.35 31.10 -26.09
N ALA B 353 13.80 30.68 -24.90
CA ALA B 353 14.73 31.48 -24.10
C ALA B 353 16.18 31.23 -24.57
N PRO B 354 17.13 32.05 -24.13
CA PRO B 354 18.51 31.89 -24.61
C PRO B 354 19.19 30.63 -24.11
N LEU B 355 20.14 30.16 -24.90
CA LEU B 355 20.98 29.02 -24.59
C LEU B 355 22.41 29.52 -24.48
N ALA B 356 23.01 29.41 -23.30
CA ALA B 356 24.30 30.04 -23.00
C ALA B 356 25.21 29.10 -22.21
N PRO B 357 25.64 28.00 -22.83
CA PRO B 357 26.60 27.12 -22.17
C PRO B 357 27.92 27.84 -21.94
N PRO B 358 28.53 27.69 -20.76
CA PRO B 358 29.81 28.36 -20.48
C PRO B 358 30.90 27.87 -21.43
N PRO B 359 32.02 28.57 -21.51
CA PRO B 359 33.11 28.15 -22.42
C PRO B 359 33.60 26.75 -22.09
N GLY B 360 33.75 25.94 -23.14
CA GLY B 360 34.17 24.55 -22.99
C GLY B 360 33.07 23.58 -22.55
N GLU B 361 31.83 24.04 -22.42
CA GLU B 361 30.74 23.16 -22.01
C GLU B 361 29.72 22.96 -23.13
N GLU B 362 30.12 23.20 -24.38
CA GLU B 362 29.21 23.03 -25.50
C GLU B 362 28.77 21.57 -25.68
N GLY B 363 29.55 20.62 -25.21
CA GLY B 363 29.15 19.23 -25.30
C GLY B 363 28.13 18.77 -24.27
N GLY B 364 27.71 19.66 -23.37
CA GLY B 364 26.71 19.29 -22.39
C GLY B 364 25.31 19.21 -23.00
N HIS B 365 24.38 18.64 -22.24
CA HIS B 365 23.04 18.39 -22.75
C HIS B 365 22.11 19.56 -22.43
N TRP B 366 22.51 20.72 -22.95
CA TRP B 366 21.82 21.97 -22.66
C TRP B 366 20.60 22.13 -23.56
N ARG B 367 19.47 22.47 -22.95
CA ARG B 367 18.27 22.83 -23.70
C ARG B 367 17.65 24.05 -23.02
N PRO B 368 17.07 24.96 -23.81
CA PRO B 368 16.57 26.22 -23.26
C PRO B 368 15.15 26.11 -22.70
N GLY B 369 14.77 27.15 -21.96
CA GLY B 369 13.38 27.30 -21.57
C GLY B 369 12.50 27.62 -22.75
N ARG B 370 11.25 27.15 -22.68
CA ARG B 370 10.28 27.37 -23.75
C ARG B 370 8.91 27.66 -23.15
N ILE B 371 8.17 28.54 -23.82
CA ILE B 371 6.75 28.75 -23.56
C ILE B 371 5.99 28.38 -24.83
N LEU B 372 5.06 27.43 -24.72
CA LEU B 372 4.23 27.01 -25.83
C LEU B 372 2.77 27.38 -25.55
N ALA B 373 2.10 27.97 -26.54
CA ALA B 373 0.71 28.40 -26.39
C ALA B 373 -0.01 28.19 -27.72
N ASP B 374 -1.31 28.51 -27.70
CA ASP B 374 -2.20 28.28 -28.85
C ASP B 374 -2.12 26.82 -29.29
N LEU B 375 -2.63 25.94 -28.46
CA LEU B 375 -2.46 24.52 -28.76
C LEU B 375 -3.67 23.75 -28.27
N PRO B 376 -3.97 22.60 -28.88
CA PRO B 376 -5.17 21.85 -28.51
C PRO B 376 -5.01 21.09 -27.21
N ALA B 377 -6.15 20.71 -26.64
CA ALA B 377 -6.16 20.06 -25.33
C ALA B 377 -5.44 18.71 -25.34
N ASP B 378 -5.28 18.07 -26.50
CA ASP B 378 -4.57 16.80 -26.58
C ASP B 378 -3.18 16.94 -27.22
N ASP B 379 -2.62 18.15 -27.22
CA ASP B 379 -1.30 18.37 -27.81
C ASP B 379 -0.26 17.52 -27.07
N PRO B 380 0.76 17.01 -27.79
CA PRO B 380 1.81 16.23 -27.12
C PRO B 380 2.54 16.97 -26.02
N ALA B 381 2.79 18.27 -26.19
CA ALA B 381 3.47 19.03 -25.14
C ALA B 381 2.60 19.16 -23.90
N VAL B 382 1.28 19.10 -24.07
CA VAL B 382 0.36 19.13 -22.93
C VAL B 382 0.30 17.77 -22.25
N CYS B 383 0.12 16.71 -23.05
CA CYS B 383 -0.19 15.40 -22.49
C CYS B 383 1.05 14.66 -22.01
N GLU B 384 2.22 14.99 -22.52
CA GLU B 384 3.42 14.29 -22.11
C GLU B 384 4.12 15.05 -21.01
N GLU B 385 4.91 14.33 -20.21
CA GLU B 385 5.73 14.95 -19.17
C GLU B 385 7.04 15.35 -19.83
N VAL B 386 7.20 16.65 -20.06
CA VAL B 386 8.36 17.11 -20.82
C VAL B 386 9.65 16.95 -20.01
N PHE B 387 9.58 17.18 -18.70
CA PHE B 387 10.73 17.01 -17.81
C PHE B 387 11.87 17.95 -18.22
N ALA B 388 11.51 19.19 -18.50
CA ALA B 388 12.42 20.25 -18.91
C ALA B 388 11.71 21.58 -18.68
N PRO B 389 12.42 22.72 -18.77
CA PRO B 389 11.70 23.97 -18.43
C PRO B 389 10.82 24.45 -19.59
N VAL B 390 9.73 23.72 -19.78
CA VAL B 390 8.75 24.00 -20.83
C VAL B 390 7.41 24.16 -20.15
N LEU B 391 6.74 25.27 -20.42
CA LEU B 391 5.40 25.53 -19.92
C LEU B 391 4.46 25.65 -21.11
N THR B 392 3.32 24.98 -21.05
CA THR B 392 2.24 25.20 -22.00
C THR B 392 1.19 26.11 -21.37
N VAL B 393 0.48 26.87 -22.20
CA VAL B 393 -0.56 27.78 -21.73
C VAL B 393 -1.84 27.48 -22.51
N GLN B 394 -2.91 27.15 -21.79
CA GLN B 394 -4.24 26.95 -22.34
C GLN B 394 -5.20 27.89 -21.63
N ALA B 395 -6.26 28.27 -22.33
CA ALA B 395 -7.30 29.12 -21.75
C ALA B 395 -8.58 28.32 -21.58
N ALA B 396 -9.30 28.61 -20.51
CA ALA B 396 -10.60 28.02 -20.23
C ALA B 396 -11.64 29.13 -20.14
N ASP B 397 -12.92 28.77 -20.27
CA ASP B 397 -13.97 29.77 -20.24
C ASP B 397 -14.20 30.29 -18.82
N ASP B 398 -14.15 29.41 -17.84
CA ASP B 398 -14.46 29.78 -16.46
C ASP B 398 -13.73 28.82 -15.53
N PRO B 399 -13.74 29.10 -14.22
CA PRO B 399 -13.03 28.19 -13.29
C PRO B 399 -13.44 26.74 -13.42
N ALA B 400 -14.71 26.46 -13.75
CA ALA B 400 -15.14 25.07 -13.85
C ALA B 400 -14.45 24.35 -15.00
N GLU B 401 -14.33 25.01 -16.16
CA GLU B 401 -13.60 24.41 -17.26
C GLU B 401 -12.10 24.35 -16.96
N ALA B 402 -11.56 25.33 -16.23
CA ALA B 402 -10.16 25.25 -15.84
C ALA B 402 -9.92 24.05 -14.94
N LEU B 403 -10.84 23.79 -14.02
CA LEU B 403 -10.74 22.61 -13.17
C LEU B 403 -10.79 21.33 -14.00
N ALA B 404 -11.68 21.29 -15.00
CA ALA B 404 -11.81 20.10 -15.83
C ALA B 404 -10.53 19.83 -16.62
N LEU B 405 -9.92 20.88 -17.18
CA LEU B 405 -8.62 20.71 -17.84
C LEU B 405 -7.56 20.25 -16.85
N ALA B 406 -7.51 20.88 -15.67
CA ALA B 406 -6.49 20.55 -14.68
C ALA B 406 -6.59 19.11 -14.22
N ASN B 407 -7.82 18.61 -14.07
CA ASN B 407 -8.03 17.23 -13.63
C ASN B 407 -8.22 16.27 -14.79
N GLY B 408 -7.99 16.73 -16.03
CA GLY B 408 -8.26 15.90 -17.19
C GLY B 408 -7.10 15.05 -17.70
N MET B 409 -6.06 14.86 -16.86
CA MET B 409 -4.92 14.03 -17.24
C MET B 409 -4.88 12.76 -16.40
N PRO B 410 -4.32 11.66 -16.91
CA PRO B 410 -4.26 10.43 -16.10
C PRO B 410 -3.37 10.60 -14.88
N GLN B 411 -2.30 11.40 -14.98
CA GLN B 411 -1.44 11.68 -13.84
C GLN B 411 -2.07 12.73 -12.94
N ALA B 412 -1.79 12.62 -11.65
CA ALA B 412 -2.43 13.48 -10.64
C ALA B 412 -1.52 13.51 -9.41
N LEU B 413 -0.56 14.44 -9.42
CA LEU B 413 0.46 14.47 -8.38
C LEU B 413 0.47 15.76 -7.59
N ALA B 414 0.63 16.91 -8.25
CA ALA B 414 0.71 18.18 -7.57
C ALA B 414 0.04 19.22 -8.45
N ALA B 415 -0.28 20.37 -7.86
CA ALA B 415 -0.94 21.44 -8.61
C ALA B 415 -0.78 22.75 -7.86
N SER B 416 -0.97 23.86 -8.57
CA SER B 416 -1.06 25.15 -7.90
C SER B 416 -2.24 25.94 -8.45
N VAL B 417 -2.67 26.91 -7.65
CA VAL B 417 -3.74 27.85 -7.98
C VAL B 417 -3.22 29.24 -7.66
N TRP B 418 -3.45 30.18 -8.57
CA TRP B 418 -2.97 31.55 -8.41
C TRP B 418 -4.15 32.50 -8.53
N GLY B 419 -4.34 33.33 -7.51
CA GLY B 419 -5.52 34.18 -7.42
C GLY B 419 -5.57 34.86 -6.07
N SER B 420 -6.42 35.88 -5.98
CA SER B 420 -6.50 36.70 -4.78
C SER B 420 -7.68 36.37 -3.87
N ARG B 421 -8.78 35.83 -4.40
CA ARG B 421 -10.02 35.70 -3.64
C ARG B 421 -10.06 34.36 -2.91
N THR B 422 -10.24 34.42 -1.58
CA THR B 422 -10.10 33.24 -0.74
C THR B 422 -11.07 32.13 -1.16
N ASP B 423 -12.33 32.49 -1.41
CA ASP B 423 -13.31 31.45 -1.71
C ASP B 423 -13.01 30.76 -3.03
N ALA B 424 -12.56 31.52 -4.04
CA ALA B 424 -12.28 30.92 -5.34
C ALA B 424 -11.09 29.97 -5.26
N VAL B 425 -10.00 30.39 -4.65
CA VAL B 425 -8.79 29.58 -4.69
C VAL B 425 -8.89 28.38 -3.77
N LEU B 426 -9.50 28.54 -2.59
CA LEU B 426 -9.60 27.41 -1.67
C LEU B 426 -10.61 26.38 -2.16
N GLU B 427 -11.62 26.81 -2.90
CA GLU B 427 -12.55 25.84 -3.48
C GLU B 427 -11.86 25.03 -4.56
N LEU B 428 -11.11 25.69 -5.44
CA LEU B 428 -10.31 24.96 -6.42
C LEU B 428 -9.31 24.03 -5.75
N ALA B 429 -8.68 24.49 -4.66
CA ALA B 429 -7.69 23.66 -3.98
C ALA B 429 -8.30 22.35 -3.50
N GLY B 430 -9.54 22.40 -3.00
CA GLY B 430 -10.20 21.17 -2.60
C GLY B 430 -10.57 20.27 -3.76
N GLU B 431 -10.85 20.85 -4.93
CA GLU B 431 -11.36 20.08 -6.06
C GLU B 431 -10.24 19.44 -6.88
N LEU B 432 -9.04 20.01 -6.85
CA LEU B 432 -7.95 19.51 -7.68
C LEU B 432 -7.55 18.10 -7.25
N ASN B 433 -7.31 17.23 -8.23
CA ASN B 433 -6.87 15.86 -7.95
C ASN B 433 -5.35 15.86 -7.86
N ALA B 434 -4.83 15.95 -6.63
CA ALA B 434 -3.39 16.07 -6.40
C ALA B 434 -3.12 15.83 -4.92
N GLY B 435 -1.89 15.38 -4.62
CA GLY B 435 -1.46 15.23 -3.24
C GLY B 435 -0.92 16.50 -2.62
N GLU B 436 -0.59 17.50 -3.44
CA GLU B 436 -0.14 18.81 -2.97
C GLU B 436 -0.81 19.87 -3.82
N VAL B 437 -1.43 20.86 -3.19
CA VAL B 437 -1.93 22.03 -3.89
C VAL B 437 -1.34 23.26 -3.23
N TRP B 438 -0.56 24.02 -4.00
CA TRP B 438 -0.02 25.28 -3.55
C TRP B 438 -0.92 26.41 -4.02
N VAL B 439 -1.11 27.41 -3.17
CA VAL B 439 -1.88 28.60 -3.51
C VAL B 439 -0.92 29.77 -3.54
N ASN B 440 -0.80 30.40 -4.71
CA ASN B 440 0.09 31.54 -4.95
C ASN B 440 1.56 31.19 -4.70
N CYS B 441 1.89 29.92 -4.83
CA CYS B 441 3.28 29.48 -4.82
C CYS B 441 3.33 28.14 -5.56
N HIS B 442 4.51 27.54 -5.64
CA HIS B 442 4.60 26.22 -6.26
C HIS B 442 5.94 25.60 -5.89
N LEU B 443 5.94 24.29 -5.67
CA LEU B 443 7.17 23.49 -5.49
C LEU B 443 7.87 23.81 -4.16
N GLU B 444 7.09 24.01 -3.09
CA GLU B 444 7.65 24.29 -1.78
C GLU B 444 7.27 23.16 -0.83
N GLN B 445 8.28 22.48 -0.30
CA GLN B 445 8.06 21.25 0.44
C GLN B 445 8.82 21.27 1.75
N THR B 446 8.32 20.50 2.72
CA THR B 446 8.98 20.39 4.01
C THR B 446 8.66 19.01 4.60
N ALA B 447 9.58 18.53 5.46
CA ALA B 447 9.54 17.14 5.93
C ALA B 447 8.22 16.77 6.59
N GLU B 448 7.51 17.75 7.19
CA GLU B 448 6.31 17.45 7.97
C GLU B 448 5.07 17.23 7.13
N LEU B 449 5.07 17.64 5.87
CA LEU B 449 3.86 17.66 5.05
C LEU B 449 3.94 16.64 3.94
N PRO B 450 2.89 15.85 3.72
CA PRO B 450 2.97 14.73 2.77
C PRO B 450 2.92 15.16 1.32
N HIS B 451 3.47 14.28 0.48
CA HIS B 451 3.51 14.36 -0.97
C HIS B 451 3.14 12.98 -1.50
N GLY B 452 2.36 12.93 -2.57
CA GLY B 452 1.98 11.62 -3.08
C GLY B 452 0.88 11.68 -4.10
N GLY B 453 0.83 10.70 -5.00
CA GLY B 453 0.02 10.80 -6.19
C GLY B 453 -1.29 10.02 -6.14
N ARG B 454 -2.08 10.25 -7.18
CA ARG B 454 -3.30 9.52 -7.51
C ARG B 454 -3.21 9.15 -8.99
N GLY B 455 -4.24 8.48 -9.50
CA GLY B 455 -4.26 8.16 -10.92
C GLY B 455 -3.07 7.30 -11.30
N THR B 456 -2.38 7.67 -12.37
CA THR B 456 -1.21 6.90 -12.79
C THR B 456 0.09 7.43 -12.19
N SER B 457 0.01 8.29 -11.16
CA SER B 457 1.20 8.84 -10.51
C SER B 457 1.74 7.96 -9.39
N GLY B 458 1.17 6.77 -9.18
CA GLY B 458 1.50 5.94 -8.06
C GLY B 458 0.75 6.37 -6.81
N HIS B 459 0.81 5.53 -5.77
CA HIS B 459 0.08 5.83 -4.53
C HIS B 459 0.98 5.89 -3.31
N GLY B 460 2.27 6.12 -3.50
CA GLY B 460 3.17 6.27 -2.37
C GLY B 460 2.92 7.55 -1.62
N THR B 461 3.37 7.57 -0.36
CA THR B 461 3.38 8.78 0.44
C THR B 461 4.82 9.07 0.85
N ASP B 462 5.32 10.23 0.46
CA ASP B 462 6.64 10.68 0.88
C ASP B 462 6.49 11.90 1.77
N MET B 463 7.41 12.02 2.73
CA MET B 463 7.40 13.05 3.78
C MET B 463 6.23 12.88 4.75
N SER B 464 6.32 13.58 5.90
CA SER B 464 5.36 13.52 7.01
C SER B 464 5.41 12.19 7.75
N VAL B 465 4.72 12.14 8.89
CA VAL B 465 4.61 10.90 9.66
C VAL B 465 3.86 9.83 8.87
N LEU B 466 3.04 10.23 7.90
CA LEU B 466 2.28 9.25 7.12
C LEU B 466 3.16 8.30 6.32
N ALA B 467 4.41 8.69 6.03
CA ALA B 467 5.26 7.83 5.21
C ALA B 467 5.72 6.59 5.97
N LEU B 468 5.79 6.67 7.31
CA LEU B 468 6.27 5.52 8.09
C LEU B 468 5.41 4.28 7.89
N THR B 469 4.10 4.45 7.70
CA THR B 469 3.18 3.32 7.63
C THR B 469 3.49 2.39 6.46
N GLU B 470 4.07 2.92 5.40
CA GLU B 470 4.42 2.07 4.27
C GLU B 470 5.53 1.09 4.59
N TYR B 471 6.26 1.26 5.69
CA TYR B 471 7.42 0.40 5.97
C TYR B 471 7.28 -0.35 7.29
N GLN B 472 6.09 -0.40 7.86
CA GLN B 472 5.87 -1.16 9.08
C GLN B 472 4.47 -1.74 9.05
N ARG B 473 4.24 -2.70 9.93
CA ARG B 473 2.97 -3.39 10.02
C ARG B 473 2.53 -3.45 11.47
N PRO B 474 1.24 -3.32 11.73
CA PRO B 474 0.77 -3.43 13.12
C PRO B 474 0.68 -4.87 13.54
N LYS B 475 0.83 -5.10 14.84
CA LYS B 475 0.50 -6.39 15.46
C LYS B 475 -0.41 -6.15 16.65
N THR B 476 -1.59 -6.76 16.63
CA THR B 476 -2.44 -6.81 17.80
C THR B 476 -2.01 -7.96 18.70
N VAL B 477 -1.78 -7.67 19.97
CA VAL B 477 -1.55 -8.71 20.98
C VAL B 477 -2.77 -8.69 21.90
N THR B 478 -3.44 -9.85 22.05
CA THR B 478 -4.65 -9.94 22.87
C THR B 478 -4.45 -11.05 23.88
N VAL B 479 -4.53 -10.71 25.16
CA VAL B 479 -4.16 -11.63 26.25
C VAL B 479 -5.38 -11.95 27.09
N ARG B 480 -5.67 -13.25 27.24
CA ARG B 480 -6.78 -13.67 28.08
C ARG B 480 -6.45 -13.47 29.54
N LEU B 481 -7.39 -12.91 30.29
CA LEU B 481 -7.21 -12.78 31.73
C LEU B 481 -8.03 -13.85 32.45
#